data_8AIC
#
_entry.id   8AIC
#
_cell.length_a   123.624
_cell.length_b   123.624
_cell.length_c   191.611
_cell.angle_alpha   90.000
_cell.angle_beta   90.000
_cell.angle_gamma   120.000
#
_symmetry.space_group_name_H-M   'P 61'
#
loop_
_entity.id
_entity.type
_entity.pdbx_description
1 polymer 'Envelope glycoprotein gp130'
2 branched beta-D-mannopyranose-(1-4)-2-acetamido-2-deoxy-beta-D-glucopyranose-(1-4)-2-acetamido-2-deoxy-beta-D-glucopyranose
3 branched 2-acetamido-2-deoxy-beta-D-glucopyranose-(1-4)-2-acetamido-2-deoxy-beta-D-glucopyranose
4 branched alpha-D-mannopyranose-(1-2)-alpha-D-mannopyranose-(1-2)-alpha-D-mannopyranose-(1-3)-[alpha-D-mannopyranose-(1-2)-alpha-D-mannopyranose-(1-6)-[alpha-D-mannopyranose-(1-3)]alpha-D-mannopyranose-(1-6)]beta-D-mannopyranose-(1-4)-2-acetamido-2-deoxy-beta-D-glucopyranose-(1-4)-2-acetamido-2-deoxy-beta-D-glucopyranose
5 branched alpha-D-mannopyranose-(1-2)-alpha-D-mannopyranose-(1-2)-alpha-D-mannopyranose-(1-3)-[alpha-D-mannopyranose-(1-3)-[alpha-D-mannopyranose-(1-6)]alpha-D-mannopyranose-(1-6)]beta-D-mannopyranose-(1-4)-2-acetamido-2-deoxy-beta-D-glucopyranose-(1-4)-2-acetamido-2-deoxy-beta-D-glucopyranose
6 non-polymer 2-acetamido-2-deoxy-beta-D-glucopyranose
7 water water
#
_entity_poly.entity_id   1
_entity_poly.type   'polypeptide(L)'
_entity_poly.pdbx_seq_one_letter_code
;RDQEQYIHRKCYQEFAHCYLVKYKTPQPWPNEGLIADQCPLPGLADVSFYPYQAIWDYYAKIENIRPANWTSSKLYGKAR
MGSYYIPKRLRNINNTHILFCSDVLYSKWYNLQNSILQNENELTKRLSNLTIGNKLKNRALPYEWAKGGLNRLFRNISVL
DVCSRPEMVLLLNKTYYTFSLWEGDCNITRYNVNETVPECKDFPHRRFNDHPYSCRLWRYREGKEEVKCLTSDHTRCLYY
PEYSNPEALFDFGFLSYMRNFPGPQCIESTSIRQQDYEVYSIYQECKLASKTYGIDSVLFSLKNFLNYTGKPVNEMPNAR
AFVGLIDPKFPPTYPDDDDK
;
_entity_poly.pdbx_strand_id   A,B
#
loop_
_chem_comp.id
_chem_comp.type
_chem_comp.name
_chem_comp.formula
BMA D-saccharide, beta linking beta-D-mannopyranose 'C6 H12 O6'
MAN D-saccharide, alpha linking alpha-D-mannopyranose 'C6 H12 O6'
NAG D-saccharide, beta linking 2-acetamido-2-deoxy-beta-D-glucopyranose 'C8 H15 N O6'
#
# COMPACT_ATOMS: atom_id res chain seq x y z
N ARG A 1 -29.05 -16.21 -13.99
CA ARG A 1 -28.31 -16.50 -12.77
C ARG A 1 -27.78 -15.21 -12.16
N ASP A 2 -27.22 -15.29 -10.95
CA ASP A 2 -26.73 -14.09 -10.28
C ASP A 2 -25.50 -13.54 -10.99
N GLN A 3 -25.72 -12.93 -12.15
CA GLN A 3 -24.66 -12.34 -12.96
C GLN A 3 -23.88 -11.26 -12.23
N GLU A 4 -24.43 -10.71 -11.14
CA GLU A 4 -23.84 -9.53 -10.53
C GLU A 4 -22.39 -9.74 -10.13
N GLN A 5 -22.06 -10.94 -9.62
CA GLN A 5 -20.72 -11.15 -9.09
C GLN A 5 -19.67 -11.15 -10.20
N TYR A 6 -19.98 -11.77 -11.34
CA TYR A 6 -19.03 -11.76 -12.45
C TYR A 6 -18.78 -10.34 -12.95
N ILE A 7 -19.83 -9.54 -13.07
CA ILE A 7 -19.68 -8.16 -13.52
C ILE A 7 -18.86 -7.36 -12.52
N HIS A 8 -19.15 -7.52 -11.23
CA HIS A 8 -18.32 -6.87 -10.21
C HIS A 8 -16.86 -7.25 -10.38
N ARG A 9 -16.57 -8.54 -10.47
CA ARG A 9 -15.19 -8.99 -10.50
C ARG A 9 -14.45 -8.43 -11.70
N LYS A 10 -15.04 -8.55 -12.89
CA LYS A 10 -14.35 -8.09 -14.10
C LYS A 10 -14.18 -6.58 -14.10
N CYS A 11 -15.28 -5.84 -13.86
CA CYS A 11 -15.21 -4.38 -13.81
C CYS A 11 -14.19 -3.92 -12.78
N TYR A 12 -14.10 -4.61 -11.64
CA TYR A 12 -13.16 -4.20 -10.61
C TYR A 12 -11.73 -4.47 -11.03
N GLN A 13 -11.42 -5.68 -11.52
CA GLN A 13 -10.03 -5.95 -11.83
C GLN A 13 -9.53 -5.10 -13.00
N GLU A 14 -10.43 -4.58 -13.84
CA GLU A 14 -9.94 -3.70 -14.91
C GLU A 14 -10.03 -2.21 -14.61
N PHE A 15 -11.04 -1.75 -13.85
CA PHE A 15 -11.36 -0.33 -13.76
C PHE A 15 -11.59 0.19 -12.34
N ALA A 16 -11.24 -0.58 -11.31
CA ALA A 16 -11.61 -0.22 -9.94
C ALA A 16 -11.24 1.23 -9.62
N HIS A 17 -9.96 1.57 -9.77
CA HIS A 17 -9.45 2.88 -9.37
C HIS A 17 -9.28 3.82 -10.56
N CYS A 18 -10.04 3.61 -11.63
CA CYS A 18 -9.99 4.52 -12.77
C CYS A 18 -11.11 5.54 -12.67
N TYR A 19 -10.75 6.81 -12.93
CA TYR A 19 -11.64 7.94 -12.78
C TYR A 19 -11.35 8.95 -13.87
N LEU A 20 -12.37 9.74 -14.21
CA LEU A 20 -12.29 10.76 -15.25
C LEU A 20 -12.73 12.08 -14.66
N VAL A 21 -11.81 13.04 -14.65
CA VAL A 21 -12.00 14.36 -14.05
C VAL A 21 -12.23 15.34 -15.19
N LYS A 22 -13.38 16.02 -15.19
CA LYS A 22 -13.66 17.07 -16.15
C LYS A 22 -13.46 18.43 -15.49
N TYR A 23 -12.47 19.18 -15.99
CA TYR A 23 -12.34 20.60 -15.70
C TYR A 23 -13.62 21.33 -16.10
N LYS A 24 -13.96 22.38 -15.36
CA LYS A 24 -15.04 23.25 -15.81
C LYS A 24 -14.68 23.90 -17.15
N THR A 25 -13.45 24.37 -17.29
CA THR A 25 -12.91 24.84 -18.56
C THR A 25 -11.49 24.35 -18.69
N PRO A 26 -11.00 24.15 -19.93
CA PRO A 26 -9.61 23.74 -20.12
C PRO A 26 -8.62 24.75 -19.55
N GLN A 27 -7.97 24.41 -18.44
CA GLN A 27 -6.99 25.29 -17.82
C GLN A 27 -5.73 24.49 -17.48
N PRO A 28 -4.63 24.73 -18.19
CA PRO A 28 -3.40 23.96 -17.96
C PRO A 28 -2.52 24.62 -16.91
N TRP A 29 -1.53 23.86 -16.46
CA TRP A 29 -0.49 24.39 -15.59
C TRP A 29 0.14 25.63 -16.24
N PRO A 30 0.26 26.75 -15.52
CA PRO A 30 0.55 28.04 -16.17
C PRO A 30 2.01 28.40 -16.35
N ASN A 31 2.95 27.71 -15.71
CA ASN A 31 4.36 28.08 -15.80
C ASN A 31 5.18 26.91 -16.33
N GLU A 32 6.26 27.24 -17.03
CA GLU A 32 7.23 26.25 -17.45
C GLU A 32 8.13 25.81 -16.31
N GLY A 33 8.24 26.61 -15.25
CA GLY A 33 9.10 26.31 -14.13
C GLY A 33 8.28 25.92 -12.91
N LEU A 34 8.79 24.93 -12.17
CA LEU A 34 8.17 24.46 -10.94
C LEU A 34 9.19 24.57 -9.82
N ILE A 35 8.82 25.25 -8.74
CA ILE A 35 9.67 25.41 -7.57
C ILE A 35 9.13 24.51 -6.48
N ALA A 36 9.85 23.42 -6.20
CA ALA A 36 9.44 22.43 -5.22
C ALA A 36 10.68 22.04 -4.40
N ASP A 37 11.12 22.95 -3.53
CA ASP A 37 12.27 22.69 -2.67
C ASP A 37 12.01 21.56 -1.68
N GLN A 38 10.75 21.18 -1.45
CA GLN A 38 10.44 20.13 -0.49
C GLN A 38 10.95 18.77 -0.94
N CYS A 39 11.25 18.59 -2.22
CA CYS A 39 11.73 17.28 -2.64
C CYS A 39 13.25 17.21 -2.53
N PRO A 40 13.80 16.15 -1.93
CA PRO A 40 15.25 15.96 -1.96
C PRO A 40 15.74 15.83 -3.40
N LEU A 41 16.95 16.30 -3.63
CA LEU A 41 17.62 16.23 -4.91
C LEU A 41 18.59 15.05 -4.94
N PRO A 42 19.08 14.68 -6.12
CA PRO A 42 20.05 13.56 -6.18
C PRO A 42 21.38 13.86 -5.50
N GLY A 43 21.79 15.12 -5.43
CA GLY A 43 23.07 15.45 -4.81
C GLY A 43 24.26 15.03 -5.65
N LEU A 44 25.45 15.18 -5.05
CA LEU A 44 26.69 15.20 -5.82
C LEU A 44 26.90 13.89 -6.59
N ALA A 45 27.19 14.04 -7.89
CA ALA A 45 27.42 12.91 -8.81
C ALA A 45 26.25 11.93 -8.82
N ASP A 46 25.06 12.39 -8.43
CA ASP A 46 23.84 11.59 -8.28
C ASP A 46 23.99 10.47 -7.28
N VAL A 47 25.02 10.48 -6.45
CA VAL A 47 25.14 9.43 -5.44
C VAL A 47 24.11 9.76 -4.37
N SER A 48 22.87 9.35 -4.61
CA SER A 48 21.70 9.86 -3.89
C SER A 48 21.40 9.05 -2.63
N PHE A 49 21.21 9.76 -1.52
CA PHE A 49 20.88 9.15 -0.24
C PHE A 49 19.39 8.91 -0.07
N TYR A 50 18.59 9.16 -1.11
CA TYR A 50 17.16 8.97 -1.03
C TYR A 50 16.71 8.03 -2.14
N PRO A 51 15.59 7.32 -1.95
CA PRO A 51 15.03 6.54 -3.07
C PRO A 51 14.61 7.46 -4.19
N TYR A 52 14.45 6.88 -5.38
CA TYR A 52 14.20 7.67 -6.57
C TYR A 52 12.90 8.46 -6.43
N GLN A 53 12.99 9.77 -6.63
CA GLN A 53 11.83 10.64 -6.63
C GLN A 53 11.35 10.85 -8.06
N ALA A 54 10.06 10.60 -8.30
CA ALA A 54 9.53 10.69 -9.65
C ALA A 54 9.70 12.08 -10.24
N ILE A 55 9.60 13.12 -9.41
CA ILE A 55 9.74 14.49 -9.89
C ILE A 55 11.09 14.74 -10.54
N TRP A 56 12.09 13.90 -10.24
CA TRP A 56 13.40 14.04 -10.87
C TRP A 56 13.34 13.82 -12.37
N ASP A 57 12.29 13.18 -12.88
CA ASP A 57 12.10 13.10 -14.33
C ASP A 57 12.03 14.47 -14.97
N TYR A 58 11.75 15.51 -14.19
CA TYR A 58 11.58 16.87 -14.70
C TYR A 58 12.64 17.82 -14.14
N TYR A 59 13.70 17.27 -13.54
CA TYR A 59 14.74 18.07 -12.91
C TYR A 59 15.58 18.81 -13.95
N ALA A 60 15.70 20.13 -13.79
CA ALA A 60 16.56 20.95 -14.65
C ALA A 60 17.99 20.88 -14.10
N LYS A 61 18.66 19.77 -14.40
CA LYS A 61 19.95 19.47 -13.78
C LYS A 61 21.05 20.37 -14.33
N ILE A 62 21.82 20.98 -13.43
CA ILE A 62 22.95 21.82 -13.82
C ILE A 62 24.10 20.94 -14.28
N GLU A 63 24.63 21.23 -15.47
CA GLU A 63 25.80 20.56 -16.00
C GLU A 63 26.96 21.56 -16.08
N ASN A 64 28.16 21.08 -15.75
CA ASN A 64 29.31 21.97 -15.71
C ASN A 64 29.84 22.30 -17.10
N ILE A 65 29.73 21.37 -18.06
CA ILE A 65 30.26 21.56 -19.40
C ILE A 65 29.09 21.83 -20.35
N ARG A 66 29.15 22.94 -21.07
CA ARG A 66 28.13 23.34 -22.03
C ARG A 66 28.81 23.95 -23.24
N PRO A 67 28.12 24.00 -24.38
CA PRO A 67 28.68 24.69 -25.55
C PRO A 67 28.70 26.20 -25.36
N ALA A 68 29.38 26.86 -26.32
CA ALA A 68 29.87 28.22 -26.10
C ALA A 68 28.75 29.23 -25.91
N ASN A 69 27.66 29.08 -26.65
CA ASN A 69 26.57 30.05 -26.54
C ASN A 69 25.31 29.37 -26.03
N TRP A 70 25.41 28.70 -24.90
CA TRP A 70 24.34 27.90 -24.34
C TRP A 70 23.60 28.69 -23.26
N THR A 71 22.27 28.61 -23.29
CA THR A 71 21.40 29.21 -22.30
C THR A 71 20.46 28.13 -21.79
N SER A 72 20.07 28.23 -20.51
CA SER A 72 19.13 27.26 -19.95
C SER A 72 17.84 27.20 -20.77
N SER A 73 17.43 28.34 -21.34
CA SER A 73 16.18 28.38 -22.10
C SER A 73 16.17 27.44 -23.29
N LYS A 74 17.37 27.07 -23.79
CA LYS A 74 17.44 26.13 -24.91
C LYS A 74 16.83 24.79 -24.54
N LEU A 75 16.86 24.42 -23.26
CA LEU A 75 16.46 23.10 -22.81
C LEU A 75 15.33 23.11 -21.80
N TYR A 76 15.20 24.18 -21.00
CA TYR A 76 14.27 24.20 -19.88
C TYR A 76 13.43 25.48 -19.85
N GLY A 77 13.36 26.20 -20.98
CA GLY A 77 12.49 27.36 -21.06
C GLY A 77 12.80 28.38 -19.99
N LYS A 78 11.74 28.86 -19.32
CA LYS A 78 11.85 29.90 -18.31
C LYS A 78 12.11 29.33 -16.91
N ALA A 79 12.41 28.03 -16.80
CA ALA A 79 12.60 27.42 -15.50
C ALA A 79 13.97 27.76 -14.92
N ARG A 80 14.04 27.80 -13.59
CA ARG A 80 15.31 27.97 -12.91
C ARG A 80 16.13 26.68 -12.95
N MET A 81 17.42 26.82 -13.24
CA MET A 81 18.31 25.66 -13.17
C MET A 81 18.37 25.16 -11.73
N GLY A 82 18.28 23.84 -11.56
CA GLY A 82 18.18 23.25 -10.25
C GLY A 82 16.77 23.15 -9.70
N SER A 83 15.79 23.72 -10.39
CA SER A 83 14.39 23.44 -10.08
C SER A 83 13.87 22.45 -11.13
N TYR A 84 12.62 22.60 -11.56
CA TYR A 84 12.01 21.64 -12.46
C TYR A 84 11.37 22.33 -13.65
N TYR A 85 11.53 21.72 -14.83
CA TYR A 85 10.91 22.23 -16.06
C TYR A 85 9.72 21.35 -16.40
N ILE A 86 8.55 21.97 -16.51
CA ILE A 86 7.33 21.26 -16.89
C ILE A 86 7.28 21.20 -18.41
N PRO A 87 7.31 20.02 -19.01
CA PRO A 87 7.26 19.93 -20.48
C PRO A 87 5.90 20.30 -21.03
N LYS A 88 5.90 20.76 -22.29
CA LYS A 88 4.69 21.29 -22.92
C LYS A 88 3.51 20.33 -22.81
N ARG A 89 3.79 19.02 -22.89
CA ARG A 89 2.71 18.04 -22.91
C ARG A 89 1.99 17.93 -21.56
N LEU A 90 2.58 18.47 -20.50
CA LEU A 90 1.94 18.45 -19.18
C LEU A 90 1.25 19.77 -18.84
N ARG A 91 1.31 20.76 -19.71
CA ARG A 91 0.59 22.02 -19.55
C ARG A 91 -0.08 22.41 -20.86
N ASN A 92 -0.89 21.49 -21.38
CA ASN A 92 -1.49 21.60 -22.70
C ASN A 92 -2.87 22.23 -22.59
N ILE A 93 -3.03 23.43 -23.18
CA ILE A 93 -4.29 24.16 -23.15
C ILE A 93 -5.44 23.36 -23.73
N ASN A 94 -5.16 22.40 -24.62
CA ASN A 94 -6.21 21.64 -25.28
C ASN A 94 -6.85 20.60 -24.37
N ASN A 95 -6.19 20.23 -23.27
CA ASN A 95 -6.65 19.12 -22.43
C ASN A 95 -7.86 19.55 -21.62
N THR A 96 -9.00 18.89 -21.86
CA THR A 96 -10.24 19.17 -21.14
C THR A 96 -10.53 18.17 -20.02
N HIS A 97 -9.97 16.97 -20.08
CA HIS A 97 -10.21 15.96 -19.04
C HIS A 97 -8.89 15.41 -18.53
N ILE A 98 -8.94 14.82 -17.34
CA ILE A 98 -7.82 14.08 -16.77
C ILE A 98 -8.32 12.68 -16.43
N LEU A 99 -7.68 11.67 -17.01
CA LEU A 99 -8.00 10.28 -16.75
C LEU A 99 -6.90 9.70 -15.88
N PHE A 100 -7.29 9.03 -14.79
CA PHE A 100 -6.27 8.39 -13.98
C PHE A 100 -6.76 7.05 -13.46
N CYS A 101 -5.82 6.14 -13.24
CA CYS A 101 -6.07 4.85 -12.60
C CYS A 101 -5.04 4.72 -11.48
N SER A 102 -5.45 5.07 -10.27
CA SER A 102 -4.54 5.10 -9.12
C SER A 102 -5.35 5.07 -7.84
N ASP A 103 -4.79 4.48 -6.80
CA ASP A 103 -5.42 4.47 -5.49
C ASP A 103 -4.77 5.42 -4.50
N VAL A 104 -3.78 6.21 -4.95
CA VAL A 104 -3.04 7.07 -4.03
C VAL A 104 -3.88 8.24 -3.52
N LEU A 105 -5.07 8.48 -4.08
CA LEU A 105 -5.87 9.63 -3.70
C LEU A 105 -7.04 9.29 -2.78
N TYR A 106 -7.20 8.02 -2.39
CA TYR A 106 -8.29 7.66 -1.49
C TYR A 106 -8.02 8.17 -0.08
N SER A 107 -9.07 8.63 0.58
CA SER A 107 -8.97 9.10 1.96
C SER A 107 -8.90 7.89 2.90
N LYS A 108 -8.95 8.15 4.21
CA LYS A 108 -8.43 7.22 5.21
C LYS A 108 -9.19 5.90 5.29
N TRP A 109 -10.42 5.84 4.75
CA TRP A 109 -11.15 4.56 4.76
C TRP A 109 -10.38 3.47 4.04
N TYR A 110 -9.64 3.83 2.99
CA TYR A 110 -8.81 2.90 2.24
C TYR A 110 -7.40 2.96 2.83
N ASN A 111 -6.92 1.81 3.32
CA ASN A 111 -5.56 1.75 3.82
C ASN A 111 -5.03 0.33 3.67
N LEU A 112 -3.80 0.23 3.17
CA LEU A 112 -3.23 -1.03 2.71
C LEU A 112 -2.83 -1.97 3.83
N GLN A 113 -3.04 -1.61 5.11
CA GLN A 113 -2.81 -2.60 6.15
C GLN A 113 -3.95 -3.62 6.21
N ASN A 114 -5.15 -3.21 5.84
CA ASN A 114 -6.29 -4.11 5.80
C ASN A 114 -6.07 -5.22 4.76
N SER A 115 -6.91 -6.24 4.85
CA SER A 115 -6.95 -7.25 3.79
C SER A 115 -7.52 -6.63 2.52
N ILE A 116 -7.01 -7.09 1.38
CA ILE A 116 -7.52 -6.63 0.10
C ILE A 116 -9.03 -6.86 0.00
N LEU A 117 -9.54 -7.89 0.67
CA LEU A 117 -10.97 -8.18 0.64
C LEU A 117 -11.77 -7.03 1.23
N GLN A 118 -11.37 -6.56 2.42
CA GLN A 118 -12.00 -5.40 3.05
C GLN A 118 -12.00 -4.19 2.12
N ASN A 119 -10.85 -3.91 1.50
CA ASN A 119 -10.71 -2.69 0.71
C ASN A 119 -11.56 -2.77 -0.56
N GLU A 120 -11.52 -3.91 -1.25
CA GLU A 120 -12.41 -4.14 -2.39
C GLU A 120 -13.87 -3.88 -2.01
N ASN A 121 -14.33 -4.57 -0.96
CA ASN A 121 -15.72 -4.45 -0.53
C ASN A 121 -16.07 -2.99 -0.22
N GLU A 122 -15.22 -2.33 0.56
CA GLU A 122 -15.51 -0.97 1.00
C GLU A 122 -15.53 0.00 -0.17
N LEU A 123 -14.63 -0.18 -1.14
CA LEU A 123 -14.61 0.72 -2.28
C LEU A 123 -15.87 0.57 -3.12
N THR A 124 -16.28 -0.67 -3.41
CA THR A 124 -17.50 -0.82 -4.19
C THR A 124 -18.71 -0.26 -3.44
N LYS A 125 -18.79 -0.52 -2.12
CA LYS A 125 -19.87 0.03 -1.31
C LYS A 125 -19.91 1.55 -1.40
N ARG A 126 -18.77 2.19 -1.15
CA ARG A 126 -18.72 3.66 -1.17
C ARG A 126 -19.08 4.21 -2.53
N LEU A 127 -18.57 3.59 -3.61
CA LEU A 127 -18.89 4.07 -4.95
C LEU A 127 -20.39 3.99 -5.20
N SER A 128 -21.02 2.85 -4.88
CA SER A 128 -22.47 2.72 -5.06
C SER A 128 -23.21 3.76 -4.24
N ASN A 129 -22.75 4.02 -3.02
CA ASN A 129 -23.38 4.98 -2.12
C ASN A 129 -23.03 6.43 -2.44
N LEU A 130 -22.11 6.68 -3.38
CA LEU A 130 -21.62 8.03 -3.63
C LEU A 130 -21.78 8.47 -5.09
N THR A 131 -22.49 7.71 -5.91
CA THR A 131 -22.62 8.02 -7.33
C THR A 131 -24.08 8.29 -7.69
N ILE A 132 -24.28 9.26 -8.57
CA ILE A 132 -25.53 9.43 -9.31
C ILE A 132 -25.24 8.96 -10.73
N GLY A 133 -25.61 7.72 -11.03
CA GLY A 133 -25.18 7.11 -12.27
C GLY A 133 -23.71 6.74 -12.20
N ASN A 134 -22.90 7.30 -13.08
CA ASN A 134 -21.45 7.13 -13.00
C ASN A 134 -20.74 8.36 -12.45
N LYS A 135 -21.49 9.42 -12.13
CA LYS A 135 -20.91 10.68 -11.67
C LYS A 135 -20.88 10.71 -10.15
N LEU A 136 -19.75 11.16 -9.60
CA LEU A 136 -19.59 11.20 -8.15
C LEU A 136 -20.34 12.39 -7.56
N LYS A 137 -20.95 12.16 -6.39
CA LYS A 137 -21.49 13.27 -5.62
C LYS A 137 -20.35 14.16 -5.14
N ASN A 138 -20.61 15.46 -5.05
CA ASN A 138 -19.54 16.39 -4.71
C ASN A 138 -18.93 16.09 -3.34
N ARG A 139 -19.73 15.50 -2.44
CA ARG A 139 -19.21 15.13 -1.12
C ARG A 139 -18.13 14.06 -1.20
N ALA A 140 -18.02 13.35 -2.32
CA ALA A 140 -16.95 12.38 -2.47
C ALA A 140 -15.59 13.04 -2.66
N LEU A 141 -15.57 14.29 -3.09
CA LEU A 141 -14.38 14.98 -3.56
C LEU A 141 -13.79 15.87 -2.48
N PRO A 142 -12.56 16.33 -2.66
CA PRO A 142 -12.06 17.44 -1.84
C PRO A 142 -12.87 18.70 -2.12
N TYR A 143 -13.15 19.45 -1.05
CA TYR A 143 -13.85 20.73 -1.23
C TYR A 143 -13.14 21.62 -2.22
N GLU A 144 -11.81 21.55 -2.28
CA GLU A 144 -11.06 22.35 -3.24
C GLU A 144 -11.41 21.99 -4.67
N TRP A 145 -11.80 20.75 -4.91
CA TRP A 145 -12.19 20.34 -6.26
C TRP A 145 -13.61 20.79 -6.59
N ALA A 146 -14.54 20.62 -5.64
CA ALA A 146 -15.93 20.95 -5.87
C ALA A 146 -16.57 21.40 -4.57
N LYS A 147 -17.26 22.54 -4.62
CA LYS A 147 -18.06 22.99 -3.49
C LYS A 147 -18.93 21.85 -2.97
N GLY A 148 -18.98 21.73 -1.65
CA GLY A 148 -19.67 20.62 -1.01
C GLY A 148 -18.79 19.43 -0.72
N GLY A 149 -17.50 19.50 -1.03
CA GLY A 149 -16.64 18.34 -0.85
C GLY A 149 -16.46 18.00 0.62
N LEU A 150 -16.46 16.69 0.91
CA LEU A 150 -16.26 16.21 2.27
C LEU A 150 -15.29 15.04 2.32
N ASN A 151 -14.46 14.88 1.29
CA ASN A 151 -13.39 13.87 1.27
C ASN A 151 -13.90 12.46 1.53
N ARG A 152 -15.14 12.17 1.12
CA ARG A 152 -15.73 10.88 1.46
C ARG A 152 -15.24 9.76 0.55
N LEU A 153 -14.52 10.08 -0.52
CA LEU A 153 -13.80 9.10 -1.33
C LEU A 153 -12.34 9.48 -1.53
N PHE A 154 -12.05 10.74 -1.83
CA PHE A 154 -10.70 11.20 -2.14
C PHE A 154 -10.16 12.08 -1.02
N ARG A 155 -8.86 11.95 -0.75
CA ARG A 155 -8.17 12.81 0.20
C ARG A 155 -7.78 14.13 -0.46
N ASN A 156 -7.35 15.07 0.38
CA ASN A 156 -6.70 16.26 -0.13
C ASN A 156 -5.29 15.91 -0.64
N ILE A 157 -4.85 16.61 -1.69
CA ILE A 157 -3.48 16.51 -2.15
C ILE A 157 -2.58 17.28 -1.18
N SER A 158 -1.33 16.84 -1.06
CA SER A 158 -0.41 17.37 -0.05
C SER A 158 0.83 17.97 -0.70
N VAL A 159 1.63 18.62 0.15
CA VAL A 159 2.82 19.32 -0.32
C VAL A 159 3.83 18.32 -0.90
N LEU A 160 3.96 17.16 -0.28
CA LEU A 160 4.97 16.19 -0.72
C LEU A 160 4.52 15.33 -1.89
N ASP A 161 3.22 15.35 -2.23
CA ASP A 161 2.72 14.50 -3.30
C ASP A 161 3.49 14.73 -4.60
N VAL A 162 3.79 15.99 -4.92
CA VAL A 162 4.44 16.36 -6.17
C VAL A 162 5.76 15.63 -6.34
N CYS A 163 6.38 15.22 -5.22
CA CYS A 163 7.67 14.54 -5.33
C CYS A 163 7.55 13.13 -5.85
N SER A 164 6.47 12.41 -5.49
CA SER A 164 6.27 11.04 -5.96
C SER A 164 5.20 10.90 -7.03
N ARG A 165 4.29 11.87 -7.13
CA ARG A 165 3.20 11.84 -8.11
C ARG A 165 3.11 13.18 -8.83
N PRO A 166 4.17 13.59 -9.54
CA PRO A 166 4.18 14.94 -10.12
C PRO A 166 3.08 15.19 -11.13
N GLU A 167 2.78 14.23 -12.00
CA GLU A 167 1.76 14.43 -13.02
C GLU A 167 0.39 14.67 -12.40
N MET A 168 0.08 13.93 -11.32
CA MET A 168 -1.19 14.12 -10.63
C MET A 168 -1.35 15.55 -10.14
N VAL A 169 -0.31 16.08 -9.49
CA VAL A 169 -0.38 17.44 -8.97
C VAL A 169 -0.47 18.45 -10.11
N LEU A 170 0.35 18.27 -11.15
CA LEU A 170 0.37 19.22 -12.25
C LEU A 170 -0.98 19.27 -12.95
N LEU A 171 -1.65 18.13 -13.09
CA LEU A 171 -2.88 18.05 -13.86
C LEU A 171 -4.13 18.30 -13.02
N LEU A 172 -4.05 18.16 -11.70
CA LEU A 172 -5.26 18.20 -10.87
C LEU A 172 -5.27 19.26 -9.77
N ASN A 173 -4.12 19.81 -9.38
CA ASN A 173 -4.12 20.84 -8.35
C ASN A 173 -4.92 22.05 -8.81
N LYS A 174 -5.86 22.50 -7.97
CA LYS A 174 -6.57 23.73 -8.27
C LYS A 174 -5.67 24.95 -8.07
N THR A 175 -4.68 24.84 -7.19
CA THR A 175 -3.79 25.95 -6.87
C THR A 175 -2.34 25.47 -6.86
N TYR A 176 -1.44 26.31 -7.34
CA TYR A 176 0.00 26.09 -7.28
C TYR A 176 0.55 26.80 -6.05
N TYR A 177 1.19 26.06 -5.16
CA TYR A 177 1.88 26.62 -4.00
C TYR A 177 3.37 26.35 -4.16
N THR A 178 4.17 27.41 -4.08
CA THR A 178 5.61 27.24 -4.04
C THR A 178 6.06 26.85 -2.64
N PHE A 179 7.18 26.14 -2.58
CA PHE A 179 7.95 25.99 -1.34
C PHE A 179 9.40 26.31 -1.70
N SER A 180 9.88 27.44 -1.19
CA SER A 180 11.13 28.01 -1.70
C SER A 180 12.07 28.40 -0.58
N LEU A 181 13.35 28.07 -0.77
CA LEU A 181 14.45 28.61 -0.01
C LEU A 181 15.45 29.29 -0.95
N TRP A 182 14.96 29.79 -2.08
CA TRP A 182 15.78 30.54 -3.02
C TRP A 182 15.87 32.01 -2.59
N GLU A 183 17.06 32.60 -2.75
CA GLU A 183 17.26 33.99 -2.36
C GLU A 183 16.52 34.92 -3.32
N GLY A 184 15.77 35.86 -2.76
CA GLY A 184 14.92 36.76 -3.52
C GLY A 184 13.45 36.40 -3.45
N ASP A 185 13.13 35.12 -3.38
CA ASP A 185 11.74 34.69 -3.24
C ASP A 185 11.18 35.20 -1.91
N CYS A 186 10.00 35.83 -1.98
CA CYS A 186 9.38 36.49 -0.84
C CYS A 186 10.25 37.63 -0.31
N ASN A 187 11.00 38.29 -1.20
CA ASN A 187 11.89 39.40 -0.84
C ASN A 187 12.86 39.02 0.29
N ILE A 188 13.16 37.74 0.44
CA ILE A 188 14.07 37.25 1.48
C ILE A 188 15.44 37.09 0.86
N THR A 189 16.43 37.79 1.41
CA THR A 189 17.79 37.78 0.90
C THR A 189 18.74 37.32 2.00
N ARG A 190 20.01 37.17 1.64
CA ARG A 190 21.03 36.80 2.62
C ARG A 190 21.29 37.90 3.63
N TYR A 191 20.70 39.08 3.44
CA TYR A 191 20.92 40.25 4.28
C TYR A 191 19.80 40.48 5.29
N ASN A 192 18.55 40.22 4.92
CA ASN A 192 17.41 40.48 5.79
C ASN A 192 16.74 39.20 6.28
N VAL A 193 17.50 38.11 6.40
CA VAL A 193 16.92 36.88 6.94
C VAL A 193 16.68 37.03 8.43
N ASN A 194 17.59 37.71 9.15
CA ASN A 194 17.39 37.91 10.58
C ASN A 194 16.24 38.86 10.90
N GLU A 195 15.60 39.44 9.88
CA GLU A 195 14.47 40.35 10.08
C GLU A 195 13.15 39.80 9.57
N THR A 196 13.15 39.00 8.49
CA THR A 196 11.89 38.51 7.96
C THR A 196 11.39 37.29 8.72
N VAL A 197 12.30 36.43 9.16
CA VAL A 197 11.94 35.21 9.89
C VAL A 197 11.93 35.55 11.38
N PRO A 198 10.79 35.44 12.07
CA PRO A 198 10.75 35.83 13.48
C PRO A 198 11.73 35.08 14.37
N GLU A 199 11.81 33.76 14.23
CA GLU A 199 12.55 32.91 15.17
C GLU A 199 14.07 32.97 14.97
N CYS A 200 14.59 33.91 14.18
CA CYS A 200 16.03 34.01 13.93
C CYS A 200 16.54 35.31 14.54
N LYS A 201 17.33 35.19 15.61
CA LYS A 201 17.99 36.34 16.23
C LYS A 201 19.43 36.52 15.75
N ASP A 202 19.77 35.91 14.62
CA ASP A 202 21.11 36.04 14.04
C ASP A 202 21.03 36.01 12.52
N ASP A 210 23.89 23.82 17.03
CA ASP A 210 22.73 24.09 16.18
C ASP A 210 22.96 23.54 14.79
N HIS A 211 21.86 23.19 14.13
CA HIS A 211 21.92 22.66 12.77
C HIS A 211 22.63 23.64 11.85
N PRO A 212 23.58 23.19 11.02
CA PRO A 212 24.25 24.12 10.10
C PRO A 212 23.30 24.70 9.06
N TYR A 213 22.12 24.11 8.89
CA TYR A 213 21.11 24.61 7.98
C TYR A 213 20.21 25.66 8.61
N SER A 214 20.46 26.04 9.87
CA SER A 214 19.57 26.95 10.57
C SER A 214 19.67 28.36 10.02
N CYS A 215 18.51 28.98 9.78
CA CYS A 215 18.37 30.41 9.44
C CYS A 215 19.15 30.82 8.20
N ARG A 216 19.49 29.89 7.31
CA ARG A 216 20.10 30.26 6.04
C ARG A 216 19.26 29.76 4.88
N LEU A 217 19.46 30.41 3.73
CA LEU A 217 18.79 30.02 2.50
C LEU A 217 19.53 28.87 1.84
N TRP A 218 18.83 28.22 0.91
CA TRP A 218 19.40 27.10 0.18
C TRP A 218 20.17 27.56 -1.06
N ARG A 219 19.49 28.25 -1.96
CA ARG A 219 20.06 28.72 -3.22
C ARG A 219 20.21 30.23 -3.17
N TYR A 220 21.46 30.69 -3.25
CA TYR A 220 21.75 32.11 -3.34
C TYR A 220 21.95 32.50 -4.80
N ARG A 221 21.56 33.73 -5.13
CA ARG A 221 21.81 34.26 -6.47
C ARG A 221 23.27 34.68 -6.57
N GLU A 222 24.01 34.02 -7.47
CA GLU A 222 25.43 34.29 -7.62
C GLU A 222 25.75 35.28 -8.73
N GLY A 223 24.83 35.53 -9.64
CA GLY A 223 25.06 36.43 -10.73
C GLY A 223 24.23 36.02 -11.94
N LYS A 224 24.52 36.66 -13.06
CA LYS A 224 23.90 36.31 -14.32
C LYS A 224 24.41 34.94 -14.79
N GLU A 225 23.53 34.17 -15.42
CA GLU A 225 23.95 32.90 -16.00
C GLU A 225 24.92 33.15 -17.13
N GLU A 226 26.01 32.38 -17.18
CA GLU A 226 26.90 32.59 -18.32
C GLU A 226 27.75 31.35 -18.59
N VAL A 227 28.33 31.35 -19.79
CA VAL A 227 29.23 30.30 -20.24
C VAL A 227 30.57 30.94 -20.54
N LYS A 228 31.64 30.39 -19.95
CA LYS A 228 32.98 30.92 -20.13
C LYS A 228 33.84 29.87 -20.82
N CYS A 229 34.49 30.27 -21.91
CA CYS A 229 35.32 29.38 -22.70
C CYS A 229 36.78 29.77 -22.51
N LEU A 230 37.57 28.86 -21.94
CA LEU A 230 38.98 29.12 -21.66
C LEU A 230 39.90 28.42 -22.65
N THR A 231 39.36 27.70 -23.61
CA THR A 231 40.12 27.11 -24.70
C THR A 231 39.55 27.59 -26.03
N SER A 232 40.24 27.22 -27.11
CA SER A 232 39.68 27.40 -28.43
C SER A 232 38.50 26.44 -28.65
N ASP A 233 38.54 25.28 -28.01
CA ASP A 233 37.45 24.31 -28.05
C ASP A 233 36.19 24.93 -27.45
N HIS A 234 35.29 25.39 -28.31
CA HIS A 234 34.06 26.03 -27.89
C HIS A 234 32.91 25.05 -27.68
N THR A 235 33.14 23.75 -27.84
CA THR A 235 32.09 22.80 -27.49
C THR A 235 32.13 22.45 -26.01
N ARG A 236 33.30 22.55 -25.38
CA ARG A 236 33.49 22.22 -23.97
C ARG A 236 33.85 23.51 -23.23
N CYS A 237 32.84 24.21 -22.74
CA CYS A 237 33.04 25.43 -21.97
C CYS A 237 32.39 25.27 -20.59
N LEU A 238 32.68 26.21 -19.70
CA LEU A 238 32.30 26.12 -18.29
C LEU A 238 31.02 26.90 -18.02
N TYR A 239 30.05 26.26 -17.39
CA TYR A 239 28.76 26.86 -17.11
C TYR A 239 28.73 27.46 -15.72
N TYR A 240 28.14 28.64 -15.61
CA TYR A 240 27.94 29.34 -14.33
C TYR A 240 26.45 29.56 -14.14
N PRO A 241 25.82 28.88 -13.19
CA PRO A 241 24.38 29.04 -12.96
C PRO A 241 24.07 30.36 -12.28
N GLU A 242 22.82 30.78 -12.42
CA GLU A 242 22.37 32.01 -11.79
C GLU A 242 22.33 31.86 -10.27
N TYR A 243 21.78 30.76 -9.78
CA TYR A 243 21.74 30.48 -8.35
C TYR A 243 22.77 29.41 -7.99
N SER A 244 22.99 29.26 -6.68
CA SER A 244 24.01 28.34 -6.18
C SER A 244 23.62 26.90 -6.48
N ASN A 245 24.64 26.02 -6.50
CA ASN A 245 24.36 24.63 -6.83
C ASN A 245 23.90 23.88 -5.59
N PRO A 246 22.83 23.08 -5.72
CA PRO A 246 22.26 22.36 -4.57
C PRO A 246 22.80 20.95 -4.33
N GLU A 247 23.77 20.48 -5.13
CA GLU A 247 24.29 19.13 -4.95
C GLU A 247 24.90 18.97 -3.55
N ALA A 248 25.63 19.98 -3.08
CA ALA A 248 26.25 19.90 -1.76
C ALA A 248 25.21 19.71 -0.66
N LEU A 249 24.12 20.46 -0.72
CA LEU A 249 23.07 20.45 0.30
C LEU A 249 21.79 19.92 -0.35
N PHE A 250 21.79 18.64 -0.68
CA PHE A 250 20.79 18.11 -1.62
C PHE A 250 19.40 17.98 -0.99
N ASP A 251 19.31 17.82 0.34
CA ASP A 251 18.01 17.67 0.99
C ASP A 251 17.67 18.86 1.90
N PHE A 252 18.27 20.03 1.63
CA PHE A 252 18.01 21.22 2.45
C PHE A 252 16.52 21.53 2.53
N GLY A 253 15.86 21.66 1.37
CA GLY A 253 14.46 22.02 1.35
C GLY A 253 13.57 21.00 2.02
N PHE A 254 13.85 19.70 1.80
CA PHE A 254 13.06 18.66 2.45
C PHE A 254 13.19 18.74 3.96
N LEU A 255 14.43 18.85 4.46
CA LEU A 255 14.63 18.91 5.89
C LEU A 255 13.99 20.16 6.49
N SER A 256 14.00 21.28 5.75
CA SER A 256 13.32 22.48 6.23
C SER A 256 11.82 22.28 6.25
N TYR A 257 11.26 21.58 5.26
CA TYR A 257 9.82 21.34 5.24
C TYR A 257 9.39 20.49 6.42
N MET A 258 10.22 19.51 6.80
CA MET A 258 9.95 18.68 7.96
C MET A 258 10.23 19.40 9.27
N ARG A 259 10.48 20.70 9.23
CA ARG A 259 10.66 21.50 10.44
C ARG A 259 11.78 20.92 11.30
N ASN A 260 12.89 20.57 10.65
CA ASN A 260 14.09 20.07 11.30
C ASN A 260 14.94 21.19 11.90
N PHE A 261 14.64 22.44 11.55
CA PHE A 261 15.40 23.60 11.99
C PHE A 261 14.64 24.88 11.64
N PRO A 262 14.83 25.97 12.38
CA PRO A 262 14.21 27.23 11.98
C PRO A 262 14.94 27.83 10.79
N GLY A 263 14.26 28.75 10.11
CA GLY A 263 14.85 29.41 8.98
C GLY A 263 13.81 29.88 7.98
N PRO A 264 14.27 30.44 6.87
CA PRO A 264 13.35 31.05 5.91
C PRO A 264 12.56 30.01 5.14
N GLN A 265 11.36 30.39 4.76
CA GLN A 265 10.47 29.57 3.93
C GLN A 265 9.55 30.51 3.18
N CYS A 266 9.47 30.33 1.86
CA CYS A 266 8.65 31.18 1.01
C CYS A 266 7.57 30.31 0.37
N ILE A 267 6.31 30.66 0.62
CA ILE A 267 5.16 29.93 0.09
C ILE A 267 4.20 30.95 -0.51
N GLU A 268 4.08 30.94 -1.84
CA GLU A 268 3.18 31.83 -2.56
C GLU A 268 2.21 31.01 -3.41
N SER A 269 1.00 31.51 -3.54
CA SER A 269 -0.09 30.79 -4.18
C SER A 269 -0.43 31.40 -5.54
N THR A 270 -0.89 30.54 -6.45
CA THR A 270 -1.30 30.93 -7.80
C THR A 270 -2.52 30.11 -8.17
N SER A 271 -3.65 30.77 -8.37
CA SER A 271 -4.86 30.06 -8.79
C SER A 271 -4.68 29.52 -10.20
N ILE A 272 -4.90 28.21 -10.35
CA ILE A 272 -4.66 27.51 -11.60
C ILE A 272 -5.96 27.17 -12.30
N ARG A 273 -6.89 26.54 -11.58
CA ARG A 273 -8.18 26.15 -12.13
C ARG A 273 -9.27 26.66 -11.20
N GLN A 274 -10.29 27.28 -11.77
CA GLN A 274 -11.42 27.77 -11.02
C GLN A 274 -12.64 26.91 -11.32
N GLN A 275 -13.63 27.01 -10.42
CA GLN A 275 -14.93 26.34 -10.56
C GLN A 275 -14.82 24.83 -10.41
N ASP A 276 -15.96 24.17 -10.37
CA ASP A 276 -16.06 22.80 -9.86
C ASP A 276 -15.56 21.77 -10.86
N TYR A 277 -14.82 20.79 -10.35
CA TYR A 277 -14.54 19.57 -11.10
C TYR A 277 -15.80 18.71 -11.16
N GLU A 278 -15.90 17.91 -12.21
CA GLU A 278 -16.77 16.75 -12.20
C GLU A 278 -15.89 15.51 -12.26
N VAL A 279 -16.33 14.42 -11.63
CA VAL A 279 -15.52 13.20 -11.60
C VAL A 279 -16.44 12.00 -11.78
N TYR A 280 -16.07 11.12 -12.71
CA TYR A 280 -16.83 9.91 -13.01
C TYR A 280 -15.98 8.68 -12.72
N SER A 281 -16.60 7.67 -12.15
CA SER A 281 -15.93 6.41 -11.82
C SER A 281 -16.08 5.46 -13.00
N ILE A 282 -14.94 5.08 -13.61
CA ILE A 282 -14.99 4.13 -14.71
C ILE A 282 -15.54 2.79 -14.24
N TYR A 283 -15.27 2.40 -12.99
CA TYR A 283 -15.83 1.16 -12.48
C TYR A 283 -17.35 1.21 -12.41
N GLN A 284 -17.89 2.29 -11.87
CA GLN A 284 -19.33 2.42 -11.77
C GLN A 284 -19.98 2.42 -13.15
N GLU A 285 -19.34 3.06 -14.12
CA GLU A 285 -19.88 3.03 -15.48
C GLU A 285 -19.80 1.64 -16.08
N CYS A 286 -18.73 0.89 -15.79
CA CYS A 286 -18.65 -0.49 -16.23
C CYS A 286 -19.83 -1.29 -15.69
N LYS A 287 -20.06 -1.20 -14.38
CA LYS A 287 -21.14 -1.96 -13.75
C LYS A 287 -22.49 -1.55 -14.31
N LEU A 288 -22.67 -0.26 -14.61
CA LEU A 288 -23.96 0.22 -15.10
C LEU A 288 -24.20 -0.20 -16.54
N ALA A 289 -23.24 0.07 -17.43
CA ALA A 289 -23.42 -0.25 -18.84
C ALA A 289 -23.44 -1.75 -19.10
N SER A 290 -22.90 -2.56 -18.18
CA SER A 290 -22.91 -4.00 -18.40
C SER A 290 -24.32 -4.58 -18.39
N LYS A 291 -25.22 -4.05 -17.56
CA LYS A 291 -26.56 -4.62 -17.51
C LYS A 291 -27.37 -4.30 -18.76
N THR A 292 -26.91 -3.38 -19.61
CA THR A 292 -27.55 -3.09 -20.88
C THR A 292 -26.85 -3.77 -22.05
N TYR A 293 -25.54 -3.53 -22.21
CA TYR A 293 -24.83 -3.95 -23.41
C TYR A 293 -24.03 -5.25 -23.24
N GLY A 294 -23.96 -5.79 -22.03
CA GLY A 294 -23.21 -7.01 -21.82
C GLY A 294 -21.79 -6.76 -21.40
N ILE A 295 -21.26 -7.63 -20.52
CA ILE A 295 -19.96 -7.38 -19.89
C ILE A 295 -18.85 -7.32 -20.93
N ASP A 296 -18.94 -8.13 -21.98
CA ASP A 296 -17.83 -8.25 -22.90
C ASP A 296 -17.62 -6.97 -23.70
N SER A 297 -18.69 -6.39 -24.24
CA SER A 297 -18.55 -5.17 -25.03
C SER A 297 -18.23 -3.97 -24.16
N VAL A 298 -18.79 -3.90 -22.95
CA VAL A 298 -18.47 -2.83 -22.02
C VAL A 298 -16.99 -2.87 -21.66
N LEU A 299 -16.50 -4.08 -21.37
CA LEU A 299 -15.07 -4.28 -21.11
C LEU A 299 -14.22 -3.81 -22.28
N PHE A 300 -14.56 -4.28 -23.49
CA PHE A 300 -13.78 -3.91 -24.67
C PHE A 300 -13.76 -2.40 -24.87
N SER A 301 -14.92 -1.74 -24.79
CA SER A 301 -15.02 -0.32 -25.07
C SER A 301 -14.34 0.53 -24.01
N LEU A 302 -14.44 0.15 -22.73
CA LEU A 302 -13.77 0.93 -21.70
C LEU A 302 -12.26 0.66 -21.67
N LYS A 303 -11.81 -0.55 -22.02
CA LYS A 303 -10.38 -0.76 -22.23
C LYS A 303 -9.86 0.17 -23.32
N ASN A 304 -10.58 0.26 -24.45
CA ASN A 304 -10.14 1.18 -25.50
C ASN A 304 -10.18 2.62 -25.01
N PHE A 305 -11.18 2.99 -24.22
CA PHE A 305 -11.21 4.36 -23.69
C PHE A 305 -10.00 4.63 -22.81
N LEU A 306 -9.60 3.65 -22.01
CA LEU A 306 -8.37 3.78 -21.22
C LEU A 306 -7.13 3.87 -22.11
N ASN A 307 -7.18 3.35 -23.33
CA ASN A 307 -6.09 3.49 -24.28
C ASN A 307 -6.24 4.74 -25.16
N TYR A 308 -6.99 5.75 -24.71
CA TYR A 308 -7.36 6.88 -25.55
C TYR A 308 -6.18 7.59 -26.22
N THR A 309 -4.98 7.48 -25.65
CA THR A 309 -3.80 8.19 -26.17
C THR A 309 -2.74 7.27 -26.73
N GLY A 310 -3.04 5.97 -26.90
CA GLY A 310 -2.06 5.01 -27.35
C GLY A 310 -1.29 4.33 -26.23
N LYS A 311 -1.30 4.91 -25.03
CA LYS A 311 -0.70 4.30 -23.85
C LYS A 311 -1.80 3.98 -22.84
N PRO A 312 -2.03 2.72 -22.50
CA PRO A 312 -3.10 2.39 -21.55
C PRO A 312 -2.79 2.94 -20.16
N VAL A 313 -3.74 3.71 -19.62
CA VAL A 313 -3.54 4.35 -18.33
C VAL A 313 -3.44 3.33 -17.20
N ASN A 314 -4.18 2.23 -17.28
CA ASN A 314 -4.13 1.27 -16.19
C ASN A 314 -2.95 0.33 -16.29
N GLU A 315 -2.17 0.38 -17.37
CA GLU A 315 -0.89 -0.29 -17.45
C GLU A 315 0.27 0.64 -17.11
N MET A 316 -0.01 1.83 -16.59
CA MET A 316 0.94 2.81 -16.09
C MET A 316 1.11 2.65 -14.58
N PRO A 317 2.31 2.95 -14.06
CA PRO A 317 2.54 2.77 -12.63
C PRO A 317 1.54 3.56 -11.80
N ASN A 318 1.19 2.99 -10.64
CA ASN A 318 0.12 3.52 -9.81
C ASN A 318 0.34 4.99 -9.45
N ALA A 319 1.59 5.40 -9.28
CA ALA A 319 1.88 6.77 -8.89
C ALA A 319 1.85 7.76 -10.06
N ARG A 320 1.96 7.26 -11.30
CA ARG A 320 2.15 8.11 -12.46
C ARG A 320 0.99 8.04 -13.46
N ALA A 321 -0.02 7.22 -13.20
CA ALA A 321 -1.07 6.95 -14.18
C ALA A 321 -2.09 8.10 -14.18
N PHE A 322 -1.63 9.27 -14.59
CA PHE A 322 -2.46 10.47 -14.70
C PHE A 322 -2.20 11.11 -16.05
N VAL A 323 -3.25 11.25 -16.87
CA VAL A 323 -3.09 11.63 -18.27
C VAL A 323 -4.12 12.69 -18.63
N GLY A 324 -3.74 13.61 -19.51
CA GLY A 324 -4.67 14.59 -20.05
C GLY A 324 -5.31 14.09 -21.34
N LEU A 325 -6.59 14.44 -21.50
CA LEU A 325 -7.37 14.05 -22.67
C LEU A 325 -8.04 15.27 -23.29
N ILE A 326 -8.12 15.26 -24.62
CA ILE A 326 -8.72 16.31 -25.44
C ILE A 326 -10.13 15.88 -25.79
N ASP A 327 -11.12 16.50 -25.17
CA ASP A 327 -12.54 16.38 -25.52
C ASP A 327 -12.95 14.92 -25.75
N PRO A 328 -12.76 14.03 -24.77
CA PRO A 328 -13.17 12.64 -24.98
C PRO A 328 -14.68 12.49 -24.89
N LYS A 329 -15.21 11.54 -25.65
CA LYS A 329 -16.60 11.14 -25.47
C LYS A 329 -16.66 10.11 -24.35
N PHE A 330 -17.33 10.46 -23.26
CA PHE A 330 -17.56 9.52 -22.17
C PHE A 330 -19.01 9.58 -21.75
N PRO A 331 -19.71 8.43 -21.61
CA PRO A 331 -19.21 7.08 -21.88
C PRO A 331 -18.88 6.86 -23.35
N PRO A 332 -18.04 5.87 -23.66
CA PRO A 332 -17.77 5.56 -25.06
C PRO A 332 -18.97 4.85 -25.68
N THR A 333 -18.97 4.81 -27.01
CA THR A 333 -20.00 4.05 -27.72
C THR A 333 -19.85 2.57 -27.38
N TYR A 334 -20.95 1.93 -27.05
CA TYR A 334 -20.80 0.52 -26.73
C TYR A 334 -21.30 -0.32 -27.90
N PRO A 335 -20.50 -1.27 -28.40
CA PRO A 335 -20.89 -2.10 -29.54
C PRO A 335 -22.05 -3.05 -29.21
N ASP A 336 -24.12 -2.46 -31.44
CA ASP A 336 -25.03 -3.16 -30.53
C ASP A 336 -25.00 -4.65 -30.82
N ASP A 337 -24.14 -5.38 -30.10
CA ASP A 337 -23.93 -6.80 -30.34
C ASP A 337 -24.63 -7.66 -29.30
N ARG B 1 31.89 14.23 8.05
CA ARG B 1 32.26 13.01 8.76
C ARG B 1 31.18 12.57 9.73
N ASP B 2 30.00 13.20 9.65
CA ASP B 2 28.90 12.83 10.55
C ASP B 2 28.46 11.39 10.31
N GLN B 3 28.41 10.96 9.04
CA GLN B 3 28.18 9.58 8.65
C GLN B 3 26.78 9.08 9.04
N GLU B 4 25.96 9.95 9.63
CA GLU B 4 24.67 9.52 10.15
C GLU B 4 23.72 9.10 9.02
N GLN B 5 23.62 9.91 7.98
CA GLN B 5 22.64 9.65 6.92
C GLN B 5 22.97 8.37 6.14
N TYR B 6 24.25 8.08 5.93
CA TYR B 6 24.63 6.87 5.22
C TYR B 6 24.18 5.62 5.98
N ILE B 7 24.43 5.59 7.29
CA ILE B 7 24.00 4.47 8.11
C ILE B 7 22.48 4.36 8.11
N HIS B 8 21.79 5.50 8.28
CA HIS B 8 20.33 5.50 8.20
C HIS B 8 19.86 4.82 6.93
N ARG B 9 20.34 5.30 5.77
CA ARG B 9 19.82 4.82 4.50
C ARG B 9 20.11 3.34 4.28
N LYS B 10 21.34 2.91 4.57
CA LYS B 10 21.67 1.51 4.31
C LYS B 10 20.89 0.59 5.24
N CYS B 11 20.91 0.88 6.55
CA CYS B 11 20.14 0.08 7.50
C CYS B 11 18.65 0.06 7.13
N TYR B 12 18.12 1.18 6.62
CA TYR B 12 16.70 1.22 6.29
C TYR B 12 16.39 0.36 5.08
N GLN B 13 17.13 0.56 3.98
CA GLN B 13 16.84 -0.22 2.78
C GLN B 13 17.03 -1.71 3.02
N GLU B 14 17.83 -2.11 4.02
CA GLU B 14 17.88 -3.54 4.28
C GLU B 14 16.87 -4.03 5.32
N PHE B 15 16.64 -3.28 6.41
CA PHE B 15 16.03 -3.83 7.62
C PHE B 15 14.84 -3.03 8.16
N ALA B 16 14.33 -2.04 7.42
CA ALA B 16 13.39 -1.07 7.99
C ALA B 16 12.21 -1.74 8.67
N HIS B 17 11.71 -2.85 8.12
CA HIS B 17 10.52 -3.50 8.62
C HIS B 17 10.80 -4.88 9.20
N CYS B 18 12.05 -5.14 9.60
CA CYS B 18 12.43 -6.44 10.13
C CYS B 18 12.42 -6.38 11.66
N TYR B 19 11.79 -7.38 12.27
CA TYR B 19 11.55 -7.45 13.70
C TYR B 19 11.70 -8.88 14.16
N LEU B 20 12.08 -9.03 15.43
CA LEU B 20 12.25 -10.32 16.07
C LEU B 20 11.36 -10.36 17.31
N VAL B 21 10.48 -11.35 17.36
CA VAL B 21 9.54 -11.53 18.46
C VAL B 21 9.98 -12.76 19.24
N LYS B 22 10.32 -12.58 20.51
CA LYS B 22 10.64 -13.67 21.41
C LYS B 22 9.37 -14.04 22.18
N TYR B 23 8.89 -15.26 21.94
CA TYR B 23 7.90 -15.88 22.81
C TYR B 23 8.43 -15.89 24.24
N LYS B 24 7.54 -15.62 25.21
CA LYS B 24 7.92 -15.87 26.60
C LYS B 24 8.23 -17.34 26.83
N THR B 25 7.57 -18.22 26.08
CA THR B 25 7.67 -19.65 26.20
C THR B 25 7.45 -20.20 24.80
N PRO B 26 8.28 -21.13 24.33
CA PRO B 26 8.03 -21.73 23.02
C PRO B 26 6.70 -22.46 22.97
N GLN B 27 5.74 -21.91 22.23
CA GLN B 27 4.38 -22.44 22.17
C GLN B 27 3.90 -22.45 20.72
N PRO B 28 3.80 -23.61 20.10
CA PRO B 28 3.38 -23.66 18.69
C PRO B 28 1.86 -23.55 18.57
N TRP B 29 1.42 -23.37 17.33
CA TRP B 29 0.00 -23.53 17.03
C TRP B 29 -0.42 -24.94 17.41
N PRO B 30 -1.56 -25.11 18.09
CA PRO B 30 -1.83 -26.39 18.73
C PRO B 30 -2.56 -27.40 17.84
N ASN B 31 -3.31 -26.94 16.84
CA ASN B 31 -4.16 -27.81 16.06
C ASN B 31 -3.62 -27.99 14.65
N GLU B 32 -3.84 -29.19 14.10
CA GLU B 32 -3.56 -29.45 12.70
C GLU B 32 -4.64 -28.87 11.78
N GLY B 33 -5.83 -28.60 12.32
CA GLY B 33 -6.94 -28.08 11.55
C GLY B 33 -7.20 -26.62 11.89
N LEU B 34 -7.35 -25.81 10.84
CA LEU B 34 -7.71 -24.41 10.97
C LEU B 34 -9.09 -24.22 10.37
N ILE B 35 -10.00 -23.64 11.13
CA ILE B 35 -11.35 -23.34 10.67
C ILE B 35 -11.44 -21.83 10.48
N ALA B 36 -11.45 -21.40 9.21
CA ALA B 36 -11.44 -20.00 8.85
C ALA B 36 -12.42 -19.78 7.70
N ASP B 37 -13.73 -19.84 8.02
CA ASP B 37 -14.76 -19.69 7.00
C ASP B 37 -14.81 -18.27 6.43
N GLN B 38 -14.20 -17.30 7.11
CA GLN B 38 -14.25 -15.92 6.61
C GLN B 38 -13.47 -15.74 5.31
N CYS B 39 -12.58 -16.66 4.97
CA CYS B 39 -11.83 -16.56 3.73
C CYS B 39 -12.65 -17.17 2.58
N PRO B 40 -12.80 -16.47 1.46
CA PRO B 40 -13.43 -17.09 0.30
C PRO B 40 -12.56 -18.18 -0.28
N LEU B 41 -13.20 -19.16 -0.91
CA LEU B 41 -12.57 -20.35 -1.45
C LEU B 41 -12.52 -20.32 -2.98
N PRO B 42 -11.69 -21.18 -3.59
CA PRO B 42 -11.50 -21.11 -5.05
C PRO B 42 -12.73 -21.43 -5.90
N GLY B 43 -13.72 -22.13 -5.37
CA GLY B 43 -14.93 -22.42 -6.13
C GLY B 43 -14.75 -23.49 -7.22
N LEU B 44 -15.76 -23.60 -8.08
CA LEU B 44 -15.87 -24.75 -8.98
C LEU B 44 -14.73 -24.80 -10.00
N ALA B 45 -14.09 -25.98 -10.09
CA ALA B 45 -12.94 -26.20 -10.96
C ALA B 45 -11.85 -25.16 -10.76
N ASP B 46 -11.84 -24.55 -9.56
CA ASP B 46 -10.95 -23.47 -9.19
C ASP B 46 -11.16 -22.21 -10.01
N VAL B 47 -12.29 -22.07 -10.70
CA VAL B 47 -12.54 -20.81 -11.40
C VAL B 47 -12.99 -19.79 -10.37
N SER B 48 -12.02 -19.13 -9.74
CA SER B 48 -12.23 -18.33 -8.55
C SER B 48 -12.57 -16.88 -8.89
N PHE B 49 -13.59 -16.35 -8.22
CA PHE B 49 -14.05 -14.99 -8.40
C PHE B 49 -13.33 -14.00 -7.49
N TYR B 50 -12.30 -14.43 -6.77
CA TYR B 50 -11.59 -13.56 -5.86
C TYR B 50 -10.10 -13.58 -6.16
N PRO B 51 -9.37 -12.54 -5.78
CA PRO B 51 -7.91 -12.61 -5.89
C PRO B 51 -7.37 -13.72 -5.00
N TYR B 52 -6.16 -14.15 -5.31
CA TYR B 52 -5.56 -15.29 -4.63
C TYR B 52 -5.43 -15.04 -3.14
N GLN B 53 -6.01 -15.94 -2.34
CA GLN B 53 -5.91 -15.91 -0.90
C GLN B 53 -4.76 -16.81 -0.47
N ALA B 54 -3.78 -16.24 0.24
CA ALA B 54 -2.60 -17.00 0.62
C ALA B 54 -2.97 -18.25 1.41
N ILE B 55 -4.00 -18.16 2.25
CA ILE B 55 -4.42 -19.30 3.07
C ILE B 55 -4.76 -20.53 2.23
N TRP B 56 -5.08 -20.34 0.94
CA TRP B 56 -5.37 -21.46 0.06
C TRP B 56 -4.21 -22.43 -0.06
N ASP B 57 -2.99 -22.01 0.26
CA ASP B 57 -1.86 -22.95 0.23
C ASP B 57 -2.07 -24.09 1.21
N TYR B 58 -2.90 -23.90 2.23
CA TYR B 58 -3.15 -24.89 3.27
C TYR B 58 -4.54 -25.49 3.15
N TYR B 59 -5.24 -25.22 2.05
CA TYR B 59 -6.59 -25.72 1.81
C TYR B 59 -6.59 -27.23 1.64
N ALA B 60 -7.43 -27.92 2.43
CA ALA B 60 -7.63 -29.36 2.29
C ALA B 60 -8.69 -29.57 1.24
N LYS B 61 -8.27 -29.47 -0.03
CA LYS B 61 -9.20 -29.52 -1.15
C LYS B 61 -9.85 -30.89 -1.25
N ILE B 62 -11.17 -30.90 -1.38
CA ILE B 62 -11.89 -32.15 -1.63
C ILE B 62 -11.72 -32.54 -3.08
N GLU B 63 -11.25 -33.76 -3.32
CA GLU B 63 -11.14 -34.33 -4.65
C GLU B 63 -12.14 -35.48 -4.79
N ASN B 64 -12.79 -35.55 -5.95
CA ASN B 64 -13.83 -36.55 -6.14
C ASN B 64 -13.25 -37.95 -6.36
N ILE B 65 -12.05 -38.05 -6.92
CA ILE B 65 -11.43 -39.34 -7.22
C ILE B 65 -10.32 -39.59 -6.20
N ARG B 66 -10.36 -40.77 -5.58
CA ARG B 66 -9.41 -41.19 -4.56
C ARG B 66 -9.15 -42.68 -4.69
N PRO B 67 -7.99 -43.16 -4.22
CA PRO B 67 -7.74 -44.60 -4.23
C PRO B 67 -8.66 -45.37 -3.29
N ALA B 68 -8.49 -46.70 -3.25
CA ALA B 68 -9.54 -47.58 -2.71
C ALA B 68 -9.75 -47.39 -1.21
N ASN B 69 -8.68 -47.23 -0.44
CA ASN B 69 -8.84 -47.13 1.01
C ASN B 69 -8.26 -45.81 1.53
N TRP B 70 -8.71 -44.70 0.96
CA TRP B 70 -8.11 -43.39 1.24
C TRP B 70 -8.83 -42.70 2.39
N THR B 71 -8.06 -42.25 3.37
CA THR B 71 -8.53 -41.39 4.44
C THR B 71 -7.92 -40.01 4.24
N SER B 72 -8.65 -38.97 4.67
CA SER B 72 -8.08 -37.63 4.67
C SER B 72 -6.90 -37.54 5.62
N SER B 73 -6.87 -38.40 6.65
CA SER B 73 -5.76 -38.41 7.60
C SER B 73 -4.42 -38.67 6.92
N LYS B 74 -4.42 -39.41 5.82
CA LYS B 74 -3.19 -39.71 5.11
C LYS B 74 -2.60 -38.50 4.40
N LEU B 75 -3.33 -37.39 4.35
CA LEU B 75 -2.85 -36.18 3.67
C LEU B 75 -3.03 -34.90 4.46
N TYR B 76 -4.04 -34.80 5.33
CA TYR B 76 -4.35 -33.56 6.03
C TYR B 76 -4.57 -33.79 7.52
N GLY B 77 -4.01 -34.88 8.06
CA GLY B 77 -4.10 -35.15 9.49
C GLY B 77 -5.52 -35.17 9.99
N LYS B 78 -5.77 -34.38 11.04
CA LYS B 78 -7.07 -34.31 11.69
C LYS B 78 -7.91 -33.14 11.19
N ALA B 79 -7.52 -32.52 10.07
CA ALA B 79 -8.25 -31.35 9.58
C ALA B 79 -9.55 -31.76 8.89
N ARG B 80 -10.54 -30.88 8.98
CA ARG B 80 -11.80 -31.08 8.28
C ARG B 80 -11.61 -30.84 6.79
N MET B 81 -12.05 -31.80 5.98
CA MET B 81 -11.98 -31.61 4.53
C MET B 81 -12.83 -30.42 4.11
N GLY B 82 -12.22 -29.51 3.37
CA GLY B 82 -12.84 -28.23 3.06
C GLY B 82 -12.35 -27.08 3.90
N SER B 83 -11.67 -27.35 5.02
CA SER B 83 -11.03 -26.30 5.78
C SER B 83 -9.54 -26.30 5.46
N TYR B 84 -8.69 -26.05 6.46
CA TYR B 84 -7.26 -25.91 6.20
C TYR B 84 -6.47 -26.84 7.10
N TYR B 85 -5.38 -27.37 6.56
CA TYR B 85 -4.43 -28.19 7.31
C TYR B 85 -3.15 -27.39 7.48
N ILE B 86 -2.74 -27.20 8.73
CA ILE B 86 -1.50 -26.50 9.05
C ILE B 86 -0.38 -27.53 9.09
N PRO B 87 0.63 -27.43 8.24
CA PRO B 87 1.69 -28.45 8.22
C PRO B 87 2.57 -28.37 9.46
N LYS B 88 3.26 -29.48 9.72
CA LYS B 88 4.10 -29.58 10.91
C LYS B 88 5.13 -28.46 10.98
N ARG B 89 5.62 -28.01 9.82
CA ARG B 89 6.70 -27.02 9.80
C ARG B 89 6.29 -25.69 10.41
N LEU B 90 5.00 -25.40 10.47
CA LEU B 90 4.48 -24.18 11.10
C LEU B 90 3.97 -24.43 12.52
N ARG B 91 4.23 -25.61 13.07
CA ARG B 91 3.71 -26.04 14.36
C ARG B 91 4.83 -26.58 15.24
N ASN B 92 5.98 -25.91 15.22
CA ASN B 92 7.22 -26.44 15.77
C ASN B 92 7.37 -26.02 17.24
N ILE B 93 7.39 -27.01 18.13
CA ILE B 93 7.59 -26.74 19.55
C ILE B 93 8.95 -26.08 19.80
N ASN B 94 9.92 -26.34 18.94
CA ASN B 94 11.27 -25.86 19.18
C ASN B 94 11.38 -24.35 18.97
N ASN B 95 10.63 -23.81 18.01
CA ASN B 95 10.75 -22.41 17.62
C ASN B 95 10.49 -21.45 18.78
N THR B 96 11.54 -20.76 19.23
CA THR B 96 11.43 -19.80 20.32
C THR B 96 11.21 -18.37 19.84
N HIS B 97 11.49 -18.07 18.56
CA HIS B 97 11.40 -16.71 18.05
C HIS B 97 10.67 -16.70 16.72
N ILE B 98 10.10 -15.55 16.40
CA ILE B 98 9.46 -15.27 15.13
C ILE B 98 10.16 -14.07 14.51
N LEU B 99 10.79 -14.28 13.36
CA LEU B 99 11.45 -13.21 12.61
C LEU B 99 10.56 -12.81 11.44
N PHE B 100 10.32 -11.51 11.27
CA PHE B 100 9.53 -11.09 10.12
C PHE B 100 10.02 -9.78 9.55
N CYS B 101 9.88 -9.64 8.22
CA CYS B 101 10.26 -8.44 7.48
C CYS B 101 9.05 -8.04 6.65
N SER B 102 8.18 -7.22 7.24
CA SER B 102 6.90 -6.88 6.64
C SER B 102 6.38 -5.60 7.25
N ASP B 103 5.67 -4.81 6.46
CA ASP B 103 5.05 -3.57 6.94
C ASP B 103 3.54 -3.70 7.14
N VAL B 104 2.98 -4.91 7.04
CA VAL B 104 1.54 -5.05 7.08
C VAL B 104 0.96 -4.83 8.48
N LEU B 105 1.78 -4.77 9.52
CA LEU B 105 1.30 -4.71 10.89
C LEU B 105 1.39 -3.31 11.51
N TYR B 106 1.79 -2.31 10.73
CA TYR B 106 1.90 -0.97 11.29
C TYR B 106 0.52 -0.37 11.53
N SER B 107 0.39 0.38 12.64
CA SER B 107 -0.88 1.00 12.97
C SER B 107 -1.10 2.21 12.05
N LYS B 108 -2.17 2.97 12.30
CA LYS B 108 -2.70 3.91 11.31
C LYS B 108 -1.78 5.09 11.03
N TRP B 109 -0.70 5.28 11.78
CA TRP B 109 0.25 6.34 11.44
C TRP B 109 0.95 6.08 10.11
N TYR B 110 0.97 4.83 9.66
CA TYR B 110 1.63 4.40 8.44
C TYR B 110 0.55 4.05 7.43
N ASN B 111 0.19 5.00 6.58
CA ASN B 111 -0.70 4.75 5.46
C ASN B 111 0.05 5.04 4.17
N LEU B 112 -0.23 4.25 3.14
CA LEU B 112 0.54 4.33 1.90
C LEU B 112 -0.07 5.26 0.87
N GLN B 113 -1.06 6.06 1.27
CA GLN B 113 -1.46 7.21 0.46
C GLN B 113 -0.50 8.38 0.61
N ASN B 114 0.37 8.34 1.61
CA ASN B 114 1.41 9.34 1.78
C ASN B 114 2.63 8.98 0.94
N SER B 115 3.52 9.97 0.79
CA SER B 115 4.79 9.73 0.12
C SER B 115 5.65 8.76 0.93
N ILE B 116 6.46 7.97 0.22
CA ILE B 116 7.41 7.10 0.90
C ILE B 116 8.33 7.91 1.79
N LEU B 117 8.53 9.19 1.46
CA LEU B 117 9.34 10.08 2.30
C LEU B 117 8.74 10.21 3.69
N GLN B 118 7.45 10.56 3.76
CA GLN B 118 6.79 10.77 5.04
C GLN B 118 6.81 9.50 5.89
N ASN B 119 6.49 8.37 5.27
CA ASN B 119 6.41 7.11 6.01
C ASN B 119 7.79 6.70 6.52
N GLU B 120 8.82 6.80 5.68
CA GLU B 120 10.17 6.45 6.11
C GLU B 120 10.62 7.35 7.27
N ASN B 121 10.40 8.65 7.14
CA ASN B 121 10.73 9.58 8.22
C ASN B 121 10.02 9.22 9.52
N GLU B 122 8.69 9.03 9.45
CA GLU B 122 7.92 8.79 10.65
C GLU B 122 8.28 7.46 11.29
N LEU B 123 8.59 6.45 10.47
CA LEU B 123 8.99 5.16 11.03
C LEU B 123 10.30 5.27 11.78
N THR B 124 11.27 6.00 11.22
CA THR B 124 12.53 6.15 11.96
C THR B 124 12.32 6.96 13.24
N LYS B 125 11.51 8.03 13.17
CA LYS B 125 11.24 8.83 14.36
C LYS B 125 10.57 8.00 15.45
N ARG B 126 9.61 7.17 15.06
CA ARG B 126 8.87 6.36 16.04
C ARG B 126 9.73 5.23 16.58
N LEU B 127 10.56 4.62 15.74
CA LEU B 127 11.48 3.60 16.22
C LEU B 127 12.49 4.21 17.20
N SER B 128 12.90 5.45 16.98
CA SER B 128 13.77 6.09 17.97
C SER B 128 13.01 6.34 19.27
N ASN B 129 11.81 6.90 19.18
CA ASN B 129 11.07 7.24 20.39
C ASN B 129 10.49 6.04 21.13
N LEU B 130 10.52 4.84 20.53
CA LEU B 130 9.84 3.70 21.12
C LEU B 130 10.74 2.53 21.47
N THR B 131 12.06 2.65 21.32
CA THR B 131 12.95 1.59 21.79
C THR B 131 13.82 2.06 22.94
N ILE B 132 14.15 1.10 23.81
CA ILE B 132 15.26 1.19 24.74
C ILE B 132 16.33 0.24 24.21
N GLY B 133 17.44 0.79 23.72
CA GLY B 133 18.36 -0.02 22.96
C GLY B 133 17.76 -0.41 21.63
N ASN B 134 17.60 -1.72 21.39
CA ASN B 134 16.87 -2.20 20.23
C ASN B 134 15.54 -2.84 20.60
N LYS B 135 15.18 -2.85 21.88
CA LYS B 135 13.95 -3.47 22.35
C LYS B 135 12.79 -2.48 22.27
N LEU B 136 11.65 -2.93 21.75
CA LEU B 136 10.49 -2.09 21.64
C LEU B 136 9.82 -1.92 22.99
N LYS B 137 9.59 -0.67 23.39
CA LYS B 137 8.79 -0.39 24.58
C LYS B 137 7.43 -1.07 24.44
N ASN B 138 6.88 -1.52 25.57
CA ASN B 138 5.66 -2.30 25.52
C ASN B 138 4.50 -1.54 24.88
N ARG B 139 4.50 -0.21 24.99
CA ARG B 139 3.42 0.57 24.40
C ARG B 139 3.42 0.51 22.87
N ALA B 140 4.54 0.14 22.26
CA ALA B 140 4.58 0.02 20.80
C ALA B 140 3.82 -1.20 20.29
N LEU B 141 3.60 -2.19 21.15
CA LEU B 141 2.97 -3.45 20.78
C LEU B 141 1.47 -3.37 20.98
N PRO B 142 0.71 -4.34 20.47
CA PRO B 142 -0.70 -4.44 20.86
C PRO B 142 -0.80 -4.92 22.30
N TYR B 143 -1.88 -4.51 22.98
CA TYR B 143 -2.07 -4.96 24.35
C TYR B 143 -2.09 -6.49 24.43
N GLU B 144 -2.72 -7.14 23.45
CA GLU B 144 -2.74 -8.60 23.44
C GLU B 144 -1.34 -9.19 23.45
N TRP B 145 -0.38 -8.49 22.84
CA TRP B 145 0.99 -9.01 22.79
C TRP B 145 1.74 -8.79 24.10
N ALA B 146 1.49 -7.68 24.78
CA ALA B 146 2.17 -7.38 26.04
C ALA B 146 1.33 -6.39 26.84
N LYS B 147 1.26 -6.60 28.16
CA LYS B 147 0.50 -5.67 28.99
C LYS B 147 1.05 -4.26 28.88
N GLY B 148 0.14 -3.29 28.85
CA GLY B 148 0.51 -1.91 28.60
C GLY B 148 0.66 -1.56 27.15
N GLY B 149 0.37 -2.48 26.23
CA GLY B 149 0.44 -2.15 24.82
C GLY B 149 -0.56 -1.07 24.45
N LEU B 150 -0.14 -0.18 23.56
CA LEU B 150 -0.99 0.91 23.13
C LEU B 150 -0.99 1.09 21.60
N ASN B 151 -0.46 0.13 20.86
CA ASN B 151 -0.52 0.11 19.39
C ASN B 151 0.22 1.29 18.77
N ARG B 152 1.21 1.83 19.48
CA ARG B 152 1.91 3.01 19.00
C ARG B 152 2.81 2.70 17.81
N LEU B 153 3.15 1.44 17.58
CA LEU B 153 3.83 1.04 16.36
C LEU B 153 3.07 0.00 15.55
N PHE B 154 2.51 -1.02 16.20
CA PHE B 154 1.83 -2.11 15.52
C PHE B 154 0.33 -2.07 15.80
N ARG B 155 -0.46 -2.35 14.76
CA ARG B 155 -1.90 -2.47 14.90
C ARG B 155 -2.26 -3.84 15.49
N ASN B 156 -3.55 -4.02 15.77
CA ASN B 156 -4.06 -5.32 16.15
C ASN B 156 -4.21 -6.20 14.92
N ILE B 157 -3.99 -7.51 15.10
CA ILE B 157 -4.32 -8.48 14.07
C ILE B 157 -5.84 -8.61 13.98
N SER B 158 -6.34 -8.93 12.78
CA SER B 158 -7.77 -8.93 12.50
C SER B 158 -8.24 -10.33 12.08
N VAL B 159 -9.55 -10.44 11.88
CA VAL B 159 -10.15 -11.72 11.49
C VAL B 159 -9.72 -12.09 10.08
N LEU B 160 -9.80 -11.14 9.15
CA LEU B 160 -9.49 -11.45 7.76
C LEU B 160 -7.99 -11.61 7.50
N ASP B 161 -7.16 -11.23 8.47
CA ASP B 161 -5.71 -11.25 8.24
C ASP B 161 -5.23 -12.63 7.81
N VAL B 162 -5.71 -13.69 8.47
CA VAL B 162 -5.24 -15.04 8.17
C VAL B 162 -5.47 -15.38 6.71
N CYS B 163 -6.47 -14.76 6.06
CA CYS B 163 -6.75 -15.05 4.66
C CYS B 163 -5.56 -14.71 3.77
N SER B 164 -4.88 -13.60 4.06
CA SER B 164 -3.81 -13.14 3.19
C SER B 164 -2.42 -13.22 3.82
N ARG B 165 -2.34 -13.25 5.15
CA ARG B 165 -1.09 -13.44 5.88
C ARG B 165 -1.27 -14.60 6.85
N PRO B 166 -1.42 -15.82 6.32
CA PRO B 166 -1.71 -16.95 7.22
C PRO B 166 -0.55 -17.29 8.14
N GLU B 167 0.71 -17.19 7.67
CA GLU B 167 1.84 -17.51 8.53
C GLU B 167 1.97 -16.50 9.67
N MET B 168 1.72 -15.22 9.38
CA MET B 168 1.71 -14.20 10.42
C MET B 168 0.74 -14.57 11.53
N VAL B 169 -0.51 -14.83 11.16
CA VAL B 169 -1.53 -15.16 12.16
C VAL B 169 -1.16 -16.43 12.90
N LEU B 170 -0.76 -17.48 12.17
CA LEU B 170 -0.43 -18.75 12.79
C LEU B 170 0.71 -18.60 13.80
N LEU B 171 1.73 -17.82 13.45
CA LEU B 171 2.94 -17.74 14.27
C LEU B 171 2.88 -16.67 15.35
N LEU B 172 1.97 -15.70 15.24
CA LEU B 172 1.98 -14.56 16.15
C LEU B 172 0.70 -14.35 16.92
N ASN B 173 -0.39 -15.02 16.56
CA ASN B 173 -1.63 -14.83 17.30
C ASN B 173 -1.51 -15.39 18.70
N LYS B 174 -1.96 -14.61 19.69
CA LYS B 174 -1.98 -15.09 21.06
C LYS B 174 -3.16 -16.01 21.32
N THR B 175 -4.26 -15.80 20.60
CA THR B 175 -5.47 -16.60 20.72
C THR B 175 -5.92 -17.01 19.34
N TYR B 176 -6.44 -18.23 19.24
CA TYR B 176 -7.06 -18.74 18.02
C TYR B 176 -8.56 -18.56 18.17
N TYR B 177 -9.16 -17.80 17.27
CA TYR B 177 -10.61 -17.65 17.20
C TYR B 177 -11.10 -18.36 15.94
N THR B 178 -12.03 -19.30 16.12
CA THR B 178 -12.67 -19.90 14.97
C THR B 178 -13.70 -18.94 14.38
N PHE B 179 -13.97 -19.11 13.09
CA PHE B 179 -15.13 -18.53 12.44
C PHE B 179 -15.74 -19.65 11.63
N SER B 180 -16.82 -20.25 12.15
CA SER B 180 -17.36 -21.47 11.57
C SER B 180 -18.84 -21.30 11.27
N LEU B 181 -19.23 -21.70 10.06
CA LEU B 181 -20.63 -21.92 9.71
C LEU B 181 -20.89 -23.41 9.46
N TRP B 182 -20.13 -24.27 10.13
CA TRP B 182 -20.26 -25.71 10.00
C TRP B 182 -21.33 -26.21 10.96
N GLU B 183 -22.13 -27.17 10.50
CA GLU B 183 -23.19 -27.73 11.33
C GLU B 183 -22.61 -28.47 12.52
N GLY B 184 -23.17 -28.21 13.71
CA GLY B 184 -22.72 -28.81 14.93
C GLY B 184 -21.77 -27.93 15.72
N ASP B 185 -20.98 -27.10 15.05
CA ASP B 185 -20.15 -26.13 15.74
C ASP B 185 -21.04 -25.16 16.51
N CYS B 186 -20.71 -24.93 17.78
CA CYS B 186 -21.52 -24.13 18.70
C CYS B 186 -22.92 -24.73 18.90
N ASN B 187 -23.07 -26.02 18.61
CA ASN B 187 -24.30 -26.77 18.77
C ASN B 187 -25.42 -26.28 17.86
N ILE B 188 -25.08 -25.64 16.74
CA ILE B 188 -26.06 -25.13 15.79
C ILE B 188 -26.29 -26.17 14.70
N THR B 189 -27.54 -26.60 14.54
CA THR B 189 -27.92 -27.61 13.57
C THR B 189 -28.96 -27.04 12.61
N ARG B 190 -29.25 -27.83 11.56
CA ARG B 190 -30.27 -27.45 10.60
C ARG B 190 -31.65 -27.31 11.25
N TYR B 191 -31.82 -27.79 12.47
CA TYR B 191 -33.12 -27.77 13.14
C TYR B 191 -33.28 -26.63 14.13
N ASN B 192 -32.18 -26.03 14.60
CA ASN B 192 -32.26 -25.07 15.70
C ASN B 192 -31.66 -23.72 15.35
N VAL B 193 -31.48 -23.43 14.06
CA VAL B 193 -30.97 -22.11 13.68
C VAL B 193 -31.91 -21.02 14.21
N ASN B 194 -33.22 -21.28 14.15
CA ASN B 194 -34.17 -20.30 14.66
C ASN B 194 -34.30 -20.33 16.18
N GLU B 195 -33.51 -21.16 16.87
CA GLU B 195 -33.37 -21.09 18.32
C GLU B 195 -32.01 -20.57 18.77
N THR B 196 -30.96 -20.90 18.03
CA THR B 196 -29.59 -20.58 18.43
C THR B 196 -29.09 -19.25 17.87
N VAL B 197 -29.80 -18.67 16.90
CA VAL B 197 -29.33 -17.48 16.19
C VAL B 197 -30.35 -16.35 16.39
N PRO B 198 -30.01 -15.33 17.20
CA PRO B 198 -31.01 -14.30 17.54
C PRO B 198 -31.75 -13.70 16.35
N GLU B 199 -31.01 -13.19 15.35
CA GLU B 199 -31.61 -12.52 14.20
C GLU B 199 -32.54 -13.42 13.40
N CYS B 200 -32.51 -14.73 13.63
CA CYS B 200 -33.32 -15.69 12.89
C CYS B 200 -34.44 -16.29 13.73
N LYS B 201 -34.84 -15.61 14.82
CA LYS B 201 -35.80 -16.19 15.74
C LYS B 201 -37.17 -16.36 15.08
N ASP B 202 -37.65 -15.32 14.39
CA ASP B 202 -38.90 -15.43 13.66
C ASP B 202 -38.73 -16.08 12.29
N PHE B 203 -37.49 -16.30 11.87
CA PHE B 203 -37.24 -16.86 10.55
C PHE B 203 -37.66 -18.33 10.52
N PRO B 204 -38.16 -18.83 9.37
CA PRO B 204 -38.64 -20.18 9.06
C PRO B 204 -37.67 -21.28 9.50
N ASP B 210 -35.39 -11.85 0.70
CA ASP B 210 -34.09 -11.74 1.36
C ASP B 210 -33.05 -12.58 0.65
N HIS B 211 -31.79 -12.40 1.06
CA HIS B 211 -30.68 -13.14 0.48
C HIS B 211 -30.89 -14.64 0.69
N PRO B 212 -30.56 -15.47 -0.29
CA PRO B 212 -30.79 -16.92 -0.14
C PRO B 212 -29.88 -17.61 0.85
N TYR B 213 -28.88 -16.94 1.40
CA TYR B 213 -27.98 -17.52 2.40
C TYR B 213 -28.43 -17.21 3.83
N SER B 214 -29.57 -16.55 4.01
CA SER B 214 -29.99 -16.15 5.34
C SER B 214 -30.41 -17.36 6.17
N CYS B 215 -30.02 -17.34 7.45
CA CYS B 215 -30.48 -18.29 8.45
C CYS B 215 -30.18 -19.73 8.05
N ARG B 216 -29.14 -19.92 7.24
CA ARG B 216 -28.67 -21.23 6.83
C ARG B 216 -27.23 -21.42 7.31
N LEU B 217 -26.86 -22.67 7.54
CA LEU B 217 -25.45 -22.96 7.70
C LEU B 217 -24.81 -23.08 6.32
N TRP B 218 -23.49 -23.26 6.30
CA TRP B 218 -22.76 -23.42 5.05
C TRP B 218 -22.46 -24.89 4.77
N ARG B 219 -21.71 -25.54 5.64
CA ARG B 219 -21.34 -26.94 5.50
C ARG B 219 -22.21 -27.77 6.43
N TYR B 220 -23.01 -28.66 5.85
CA TYR B 220 -23.85 -29.57 6.61
C TYR B 220 -23.17 -30.92 6.75
N ARG B 221 -23.53 -31.65 7.82
CA ARG B 221 -23.01 -32.99 8.01
C ARG B 221 -23.75 -33.96 7.10
N GLU B 222 -23.05 -34.57 6.15
CA GLU B 222 -23.67 -35.49 5.20
C GLU B 222 -23.59 -36.94 5.63
N GLY B 223 -22.52 -37.32 6.32
CA GLY B 223 -22.31 -38.69 6.72
C GLY B 223 -20.86 -38.89 7.10
N LYS B 224 -20.48 -40.16 7.23
CA LYS B 224 -19.07 -40.46 7.46
C LYS B 224 -18.32 -40.45 6.14
N GLU B 225 -17.02 -40.16 6.22
CA GLU B 225 -16.17 -40.15 5.04
C GLU B 225 -16.12 -41.54 4.41
N GLU B 226 -16.28 -41.60 3.09
CA GLU B 226 -16.35 -42.90 2.42
C GLU B 226 -15.64 -42.85 1.07
N VAL B 227 -15.18 -44.01 0.62
CA VAL B 227 -14.67 -44.18 -0.73
C VAL B 227 -15.32 -45.43 -1.32
N LYS B 228 -16.09 -45.25 -2.39
CA LYS B 228 -16.81 -46.33 -3.07
C LYS B 228 -16.14 -46.60 -4.40
N CYS B 229 -15.69 -47.83 -4.60
CA CYS B 229 -15.11 -48.26 -5.87
C CYS B 229 -16.17 -49.04 -6.64
N LEU B 230 -16.63 -48.48 -7.74
CA LEU B 230 -17.65 -49.10 -8.57
C LEU B 230 -17.06 -49.92 -9.70
N THR B 231 -15.74 -49.89 -9.85
CA THR B 231 -15.03 -50.59 -10.91
C THR B 231 -13.98 -51.50 -10.28
N SER B 232 -13.18 -52.12 -11.14
CA SER B 232 -12.01 -52.86 -10.70
C SER B 232 -10.78 -51.97 -10.57
N ASP B 233 -10.86 -50.71 -11.00
CA ASP B 233 -9.70 -49.84 -11.07
C ASP B 233 -9.04 -49.69 -9.70
N HIS B 234 -9.84 -49.45 -8.66
CA HIS B 234 -9.38 -49.42 -7.27
C HIS B 234 -8.44 -48.25 -6.97
N THR B 235 -7.90 -47.59 -7.99
CA THR B 235 -7.21 -46.33 -7.78
C THR B 235 -8.04 -45.13 -8.21
N ARG B 236 -9.06 -45.34 -9.03
CA ARG B 236 -9.99 -44.30 -9.45
C ARG B 236 -11.36 -44.63 -8.83
N CYS B 237 -11.56 -44.20 -7.60
CA CYS B 237 -12.79 -44.47 -6.86
C CYS B 237 -13.43 -43.16 -6.41
N LEU B 238 -14.68 -43.26 -5.97
CA LEU B 238 -15.51 -42.10 -5.68
C LEU B 238 -15.42 -41.72 -4.20
N TYR B 239 -15.10 -40.46 -3.93
CA TYR B 239 -14.92 -39.98 -2.57
C TYR B 239 -16.16 -39.23 -2.08
N TYR B 240 -16.50 -39.45 -0.81
CA TYR B 240 -17.69 -38.89 -0.18
C TYR B 240 -17.26 -38.18 1.10
N PRO B 241 -17.28 -36.84 1.13
CA PRO B 241 -16.77 -36.12 2.29
C PRO B 241 -17.72 -36.16 3.47
N GLU B 242 -17.17 -35.82 4.64
CA GLU B 242 -17.96 -35.83 5.86
C GLU B 242 -18.98 -34.68 5.89
N TYR B 243 -18.57 -33.50 5.45
CA TYR B 243 -19.44 -32.35 5.32
C TYR B 243 -19.66 -32.01 3.85
N SER B 244 -20.56 -31.07 3.61
CA SER B 244 -20.89 -30.62 2.26
C SER B 244 -19.67 -30.00 1.58
N ASN B 245 -19.73 -29.94 0.24
CA ASN B 245 -18.66 -29.37 -0.57
C ASN B 245 -18.84 -27.86 -0.68
N PRO B 246 -17.77 -27.08 -0.54
CA PRO B 246 -17.91 -25.62 -0.51
C PRO B 246 -17.87 -24.94 -1.87
N GLU B 247 -17.48 -25.65 -2.94
CA GLU B 247 -17.28 -25.01 -4.23
C GLU B 247 -18.55 -24.30 -4.73
N ALA B 248 -19.72 -24.87 -4.43
CA ALA B 248 -20.97 -24.27 -4.90
C ALA B 248 -21.19 -22.89 -4.27
N LEU B 249 -20.98 -22.78 -2.96
CA LEU B 249 -21.18 -21.51 -2.26
C LEU B 249 -19.85 -21.04 -1.70
N PHE B 250 -18.89 -20.78 -2.60
CA PHE B 250 -17.48 -20.67 -2.25
C PHE B 250 -17.15 -19.50 -1.33
N ASP B 251 -18.03 -18.50 -1.24
CA ASP B 251 -17.77 -17.32 -0.40
C ASP B 251 -18.85 -17.11 0.63
N PHE B 252 -19.60 -18.16 0.97
CA PHE B 252 -20.65 -18.08 1.99
C PHE B 252 -20.12 -17.47 3.28
N GLY B 253 -19.02 -18.01 3.79
CA GLY B 253 -18.48 -17.53 5.06
C GLY B 253 -18.05 -16.08 5.00
N PHE B 254 -17.42 -15.67 3.89
CA PHE B 254 -16.96 -14.29 3.77
C PHE B 254 -18.13 -13.32 3.72
N LEU B 255 -19.14 -13.62 2.90
CA LEU B 255 -20.32 -12.77 2.83
C LEU B 255 -21.03 -12.70 4.18
N SER B 256 -21.05 -13.82 4.91
CA SER B 256 -21.62 -13.80 6.26
C SER B 256 -20.81 -12.89 7.18
N TYR B 257 -19.47 -13.00 7.12
CA TYR B 257 -18.64 -12.17 7.97
C TYR B 257 -18.84 -10.68 7.68
N MET B 258 -18.93 -10.34 6.40
CA MET B 258 -19.17 -8.97 5.94
C MET B 258 -20.58 -8.47 6.27
N ARG B 259 -21.34 -9.25 7.04
CA ARG B 259 -22.67 -8.86 7.52
C ARG B 259 -23.61 -8.57 6.36
N ASN B 260 -23.56 -9.41 5.33
CA ASN B 260 -24.39 -9.29 4.15
C ASN B 260 -25.78 -9.89 4.33
N PHE B 261 -26.01 -10.61 5.43
CA PHE B 261 -27.28 -11.26 5.72
C PHE B 261 -27.22 -11.79 7.15
N PRO B 262 -28.36 -12.11 7.74
CA PRO B 262 -28.34 -12.73 9.07
C PRO B 262 -28.25 -14.24 8.98
N GLY B 263 -27.71 -14.82 10.05
CA GLY B 263 -27.59 -16.26 10.13
C GLY B 263 -26.61 -16.70 11.19
N PRO B 264 -26.33 -17.99 11.23
CA PRO B 264 -25.42 -18.51 12.26
C PRO B 264 -23.98 -18.10 12.01
N GLN B 265 -23.29 -17.80 13.11
CA GLN B 265 -21.85 -17.62 13.12
C GLN B 265 -21.35 -18.24 14.41
N CYS B 266 -20.37 -19.14 14.31
CA CYS B 266 -19.80 -19.81 15.47
C CYS B 266 -18.37 -19.30 15.63
N ILE B 267 -18.09 -18.70 16.78
CA ILE B 267 -16.81 -18.07 17.07
C ILE B 267 -16.36 -18.60 18.42
N GLU B 268 -15.33 -19.44 18.42
CA GLU B 268 -14.86 -20.09 19.64
C GLU B 268 -13.37 -19.85 19.80
N SER B 269 -12.95 -19.60 21.04
CA SER B 269 -11.61 -19.13 21.33
C SER B 269 -10.77 -20.20 22.01
N THR B 270 -9.47 -20.15 21.75
CA THR B 270 -8.49 -21.08 22.30
C THR B 270 -7.21 -20.30 22.58
N SER B 271 -6.76 -20.28 23.82
CA SER B 271 -5.53 -19.55 24.14
C SER B 271 -4.33 -20.32 23.61
N ILE B 272 -3.55 -19.69 22.74
CA ILE B 272 -2.35 -20.32 22.17
C ILE B 272 -1.12 -19.97 22.98
N ARG B 273 -0.88 -18.67 23.18
CA ARG B 273 0.34 -18.18 23.81
C ARG B 273 -0.05 -17.28 24.97
N GLN B 274 0.54 -17.52 26.13
CA GLN B 274 0.32 -16.71 27.32
C GLN B 274 1.59 -15.98 27.69
N GLN B 275 1.43 -15.02 28.60
CA GLN B 275 2.49 -14.08 29.03
C GLN B 275 2.83 -13.10 27.92
N ASP B 276 4.04 -12.56 27.94
CA ASP B 276 4.39 -11.38 27.17
C ASP B 276 5.41 -11.68 26.08
N TYR B 277 5.16 -11.14 24.89
CA TYR B 277 6.16 -11.11 23.84
C TYR B 277 7.23 -10.08 24.15
N GLU B 278 8.43 -10.32 23.62
CA GLU B 278 9.43 -9.28 23.49
C GLU B 278 9.65 -9.03 22.01
N VAL B 279 9.84 -7.77 21.62
CA VAL B 279 10.00 -7.46 20.19
C VAL B 279 11.17 -6.50 20.03
N TYR B 280 12.10 -6.89 19.15
CA TYR B 280 13.30 -6.11 18.83
C TYR B 280 13.21 -5.67 17.37
N SER B 281 13.72 -4.46 17.10
CA SER B 281 13.69 -3.87 15.78
C SER B 281 15.06 -4.04 15.13
N ILE B 282 15.11 -4.78 14.02
CA ILE B 282 16.38 -5.04 13.35
C ILE B 282 17.00 -3.76 12.81
N TYR B 283 16.16 -2.80 12.40
CA TYR B 283 16.69 -1.52 11.92
C TYR B 283 17.39 -0.77 13.05
N GLN B 284 16.80 -0.75 14.24
CA GLN B 284 17.41 -0.03 15.36
C GLN B 284 18.71 -0.69 15.79
N GLU B 285 18.76 -2.02 15.79
CA GLU B 285 20.01 -2.70 16.09
C GLU B 285 21.07 -2.42 15.02
N CYS B 286 20.66 -2.36 13.76
CA CYS B 286 21.59 -1.96 12.70
C CYS B 286 22.17 -0.57 12.97
N LYS B 287 21.28 0.41 13.22
CA LYS B 287 21.72 1.78 13.43
C LYS B 287 22.60 1.91 14.66
N LEU B 288 22.35 1.10 15.69
CA LEU B 288 23.15 1.20 16.91
C LEU B 288 24.50 0.49 16.77
N ALA B 289 24.50 -0.69 16.14
CA ALA B 289 25.73 -1.46 16.04
C ALA B 289 26.69 -0.87 15.03
N SER B 290 26.18 -0.22 13.98
CA SER B 290 27.08 0.39 13.00
C SER B 290 27.97 1.47 13.63
N LYS B 291 27.50 2.08 14.72
CA LYS B 291 28.31 3.05 15.46
C LYS B 291 29.49 2.40 16.17
N THR B 292 29.56 1.07 16.19
CA THR B 292 30.60 0.37 16.94
C THR B 292 31.42 -0.59 16.09
N TYR B 293 30.80 -1.29 15.14
CA TYR B 293 31.52 -2.27 14.33
C TYR B 293 31.63 -1.89 12.85
N GLY B 294 31.14 -0.73 12.44
CA GLY B 294 31.20 -0.35 11.05
C GLY B 294 29.97 -0.79 10.28
N ILE B 295 29.53 0.05 9.34
CA ILE B 295 28.31 -0.22 8.59
C ILE B 295 28.40 -1.54 7.84
N ASP B 296 29.59 -1.86 7.31
CA ASP B 296 29.74 -2.98 6.40
C ASP B 296 29.55 -4.32 7.11
N SER B 297 30.30 -4.55 8.19
CA SER B 297 30.20 -5.82 8.89
C SER B 297 28.84 -5.97 9.56
N VAL B 298 28.24 -4.86 9.98
CA VAL B 298 26.88 -4.92 10.53
C VAL B 298 25.91 -5.41 9.47
N LEU B 299 25.94 -4.78 8.28
CA LEU B 299 25.14 -5.26 7.17
C LEU B 299 25.37 -6.73 6.91
N PHE B 300 26.64 -7.14 6.87
CA PHE B 300 26.98 -8.54 6.58
C PHE B 300 26.33 -9.48 7.57
N SER B 301 26.61 -9.29 8.87
CA SER B 301 26.14 -10.21 9.88
C SER B 301 24.61 -10.21 9.98
N LEU B 302 23.98 -9.04 9.77
CA LEU B 302 22.53 -8.99 9.91
C LEU B 302 21.82 -9.58 8.69
N LYS B 303 22.34 -9.34 7.48
CA LYS B 303 21.81 -10.03 6.31
C LYS B 303 22.01 -11.53 6.42
N ASN B 304 23.10 -11.96 7.06
CA ASN B 304 23.29 -13.37 7.35
C ASN B 304 22.25 -13.87 8.36
N PHE B 305 21.92 -13.05 9.36
CA PHE B 305 20.93 -13.44 10.36
C PHE B 305 19.54 -13.59 9.76
N LEU B 306 19.16 -12.67 8.86
CA LEU B 306 17.91 -12.83 8.13
C LEU B 306 17.89 -14.10 7.30
N ASN B 307 19.06 -14.68 7.03
CA ASN B 307 19.21 -15.83 6.16
C ASN B 307 19.57 -17.10 6.92
N TYR B 308 19.12 -17.21 8.18
CA TYR B 308 19.43 -18.41 8.96
C TYR B 308 18.73 -19.68 8.44
N THR B 309 18.02 -19.62 7.29
CA THR B 309 17.29 -20.77 6.74
C THR B 309 17.45 -20.88 5.23
N GLY B 310 18.58 -20.47 4.69
CA GLY B 310 18.81 -20.62 3.26
C GLY B 310 18.09 -19.61 2.38
N LYS B 311 16.95 -19.10 2.85
CA LYS B 311 16.20 -18.06 2.15
C LYS B 311 16.10 -16.83 3.04
N PRO B 312 16.45 -15.64 2.52
CA PRO B 312 16.42 -14.43 3.36
C PRO B 312 14.98 -13.93 3.55
N VAL B 313 14.65 -13.59 4.80
CA VAL B 313 13.28 -13.19 5.13
C VAL B 313 12.94 -11.84 4.51
N ASN B 314 13.92 -10.95 4.34
CA ASN B 314 13.62 -9.68 3.70
C ASN B 314 13.44 -9.79 2.20
N GLU B 315 13.67 -10.97 1.61
CA GLU B 315 13.40 -11.21 0.20
C GLU B 315 12.12 -11.99 -0.03
N MET B 316 11.53 -12.55 1.03
CA MET B 316 10.21 -13.16 0.91
C MET B 316 9.16 -12.07 0.71
N PRO B 317 7.99 -12.42 0.17
CA PRO B 317 6.98 -11.39 -0.08
C PRO B 317 6.53 -10.73 1.21
N ASN B 318 6.03 -9.49 1.07
CA ASN B 318 5.71 -8.67 2.24
C ASN B 318 4.63 -9.33 3.10
N ALA B 319 3.65 -9.97 2.47
CA ALA B 319 2.55 -10.56 3.22
C ALA B 319 2.91 -11.90 3.87
N ARG B 320 3.97 -12.56 3.40
CA ARG B 320 4.31 -13.88 3.86
C ARG B 320 5.62 -13.95 4.64
N ALA B 321 6.29 -12.82 4.84
CA ALA B 321 7.65 -12.82 5.38
C ALA B 321 7.66 -12.97 6.89
N PHE B 322 7.13 -14.11 7.36
CA PHE B 322 7.11 -14.47 8.77
C PHE B 322 7.64 -15.89 8.92
N VAL B 323 8.72 -16.05 9.71
CA VAL B 323 9.36 -17.35 9.87
C VAL B 323 9.68 -17.59 11.33
N GLY B 324 9.90 -18.87 11.66
CA GLY B 324 10.28 -19.27 12.99
C GLY B 324 11.78 -19.51 13.11
N LEU B 325 12.27 -19.43 14.35
CA LEU B 325 13.68 -19.62 14.64
C LEU B 325 13.80 -20.29 16.02
N ILE B 326 14.79 -21.18 16.12
CA ILE B 326 15.04 -21.97 17.32
C ILE B 326 16.26 -21.40 18.03
N ASP B 327 16.04 -20.81 19.21
CA ASP B 327 17.08 -20.31 20.11
C ASP B 327 18.18 -19.54 19.36
N PRO B 328 17.83 -18.48 18.63
CA PRO B 328 18.84 -17.75 17.88
C PRO B 328 19.65 -16.83 18.79
N LYS B 329 20.80 -16.41 18.29
CA LYS B 329 21.66 -15.48 19.00
C LYS B 329 21.45 -14.10 18.38
N PHE B 330 20.71 -13.25 19.09
CA PHE B 330 20.48 -11.88 18.65
C PHE B 330 20.83 -10.93 19.79
N PRO B 331 21.64 -9.89 19.54
CA PRO B 331 22.30 -9.57 18.27
C PRO B 331 23.33 -10.63 17.85
N PRO B 332 23.60 -10.73 16.55
CA PRO B 332 24.52 -11.75 16.06
C PRO B 332 25.98 -11.39 16.32
N THR B 333 26.86 -12.36 16.07
CA THR B 333 28.29 -12.13 16.19
C THR B 333 28.75 -11.18 15.09
N TYR B 334 29.47 -10.13 15.48
CA TYR B 334 29.93 -9.12 14.54
C TYR B 334 31.42 -9.26 14.29
N PRO B 335 31.85 -9.39 13.02
CA PRO B 335 33.27 -9.50 12.66
C PRO B 335 34.12 -8.36 13.22
C1 NAG C . -9.04 18.98 3.34
C2 NAG C . -9.00 18.90 4.86
C3 NAG C . -10.27 19.51 5.45
C4 NAG C . -10.40 20.96 4.99
C5 NAG C . -10.29 21.07 3.46
C6 NAG C . -10.12 22.50 3.01
C7 NAG C . -7.65 16.95 5.53
C8 NAG C . -7.67 15.54 6.03
N2 NAG C . -8.84 17.52 5.33
O3 NAG C . -10.22 19.45 6.86
O4 NAG C . -11.68 21.45 5.36
O5 NAG C . -9.16 20.35 2.95
O6 NAG C . -10.69 22.74 1.73
O7 NAG C . -6.59 17.54 5.31
C1 NAG C . -11.64 22.31 6.51
C2 NAG C . -12.95 23.08 6.53
C3 NAG C . -13.02 23.98 7.76
C4 NAG C . -12.71 23.22 9.04
C5 NAG C . -11.44 22.37 8.89
C6 NAG C . -11.23 21.42 10.04
C7 NAG C . -13.93 23.53 4.32
C8 NAG C . -13.97 24.46 3.15
N2 NAG C . -13.11 23.87 5.32
O3 NAG C . -14.32 24.55 7.85
O4 NAG C . -12.50 24.18 10.08
O5 NAG C . -11.51 21.58 7.70
O6 NAG C . -11.84 20.16 9.77
O7 NAG C . -14.62 22.51 4.37
C1 BMA C . -13.28 23.94 11.29
C2 BMA C . -12.47 24.54 12.46
C3 BMA C . -13.22 24.29 13.76
C4 BMA C . -14.69 24.77 13.69
C5 BMA C . -15.40 24.24 12.42
C6 BMA C . -16.77 24.84 12.20
O2 BMA C . -12.35 25.95 12.31
O3 BMA C . -12.55 24.89 14.86
O4 BMA C . -15.38 24.31 14.84
O5 BMA C . -14.58 24.53 11.25
O6 BMA C . -17.68 24.28 13.14
C1 NAG D . -23.64 6.16 2.69
C2 NAG D . -23.79 7.66 2.42
C3 NAG D . -24.36 8.38 3.63
C4 NAG D . -25.67 7.72 4.07
C5 NAG D . -25.46 6.22 4.28
C6 NAG D . -26.74 5.46 4.55
C7 NAG D . -21.33 8.08 2.59
C8 NAG D . -20.18 8.81 1.96
N2 NAG D . -22.53 8.27 1.99
O3 NAG D . -24.60 9.74 3.29
O4 NAG D . -26.21 8.40 5.18
O5 NAG D . -24.90 5.63 3.09
O6 NAG D . -26.71 4.84 5.83
O7 NAG D . -21.19 7.36 3.58
C1 NAG D . -25.89 7.96 6.51
C2 NAG D . -25.09 9.02 7.30
C3 NAG D . -25.01 8.68 8.79
C4 NAG D . -26.38 8.34 9.36
C5 NAG D . -26.98 7.22 8.52
C6 NAG D . -28.35 6.80 8.99
C7 NAG D . -22.98 10.23 6.89
C8 NAG D . -21.63 10.16 6.26
N2 NAG D . -23.76 9.15 6.74
O3 NAG D . -24.46 9.79 9.50
O4 NAG D . -26.26 7.91 10.71
O5 NAG D . -27.12 7.70 7.18
O6 NAG D . -28.82 5.68 8.24
O7 NAG D . -23.36 11.21 7.53
C1 NAG E . -3.54 1.38 -27.92
C2 NAG E . -3.29 -0.10 -28.12
C3 NAG E . -2.03 -0.31 -28.94
C4 NAG E . -2.08 0.49 -30.24
C5 NAG E . -2.50 1.94 -30.00
C6 NAG E . -2.83 2.67 -31.28
C7 NAG E . -4.11 -1.65 -26.40
C8 NAG E . -3.83 -2.27 -25.06
N2 NAG E . -3.18 -0.78 -26.84
O3 NAG E . -1.90 -1.69 -29.23
O4 NAG E . -0.80 0.48 -30.86
O5 NAG E . -3.68 2.00 -29.19
O6 NAG E . -2.62 4.07 -31.15
O7 NAG E . -5.11 -1.92 -27.04
C1 NAG E . -0.82 -0.47 -31.95
C2 NAG E . 0.04 0.05 -33.11
C3 NAG E . 0.01 -0.96 -34.25
C4 NAG E . 0.42 -2.34 -33.77
C5 NAG E . -0.38 -2.75 -32.52
C6 NAG E . 0.14 -4.02 -31.89
C7 NAG E . 0.28 2.48 -33.37
C8 NAG E . -0.33 3.73 -33.91
N2 NAG E . -0.42 1.35 -33.56
O3 NAG E . 0.88 -0.52 -35.30
O4 NAG E . 0.11 -3.30 -34.79
O5 NAG E . -0.30 -1.73 -31.51
O6 NAG E . 1.47 -4.31 -32.29
O7 NAG E . 1.36 2.47 -32.79
C1 BMA E . 1.28 -3.73 -35.54
C2 BMA E . 0.72 -4.64 -36.67
C3 BMA E . 1.75 -4.89 -37.79
C4 BMA E . 2.56 -3.62 -38.14
C5 BMA E . 3.15 -3.05 -36.85
C6 BMA E . 4.08 -1.86 -37.07
O2 BMA E . -0.42 -4.05 -37.28
O3 BMA E . 1.13 -5.40 -38.97
O4 BMA E . 3.62 -3.95 -39.03
O5 BMA E . 2.05 -2.63 -36.02
O6 BMA E . 3.30 -0.70 -37.32
C1 NAG F . -1.25 21.07 -4.52
C2 NAG F . -0.05 21.83 -3.92
C3 NAG F . 0.07 21.57 -2.42
C4 NAG F . -1.26 21.77 -1.70
C5 NAG F . -2.32 20.91 -2.36
C6 NAG F . -3.69 21.08 -1.76
C7 NAG F . 1.75 22.19 -5.56
C8 NAG F . 3.01 21.64 -6.13
N2 NAG F . 1.18 21.46 -4.60
O3 NAG F . 1.05 22.44 -1.87
O4 NAG F . -1.15 21.41 -0.32
O5 NAG F . -2.42 21.29 -3.74
O6 NAG F . -4.32 22.25 -2.26
O7 NAG F . 1.26 23.25 -5.95
C1 NAG F . -1.30 22.58 0.52
C2 NAG F . -1.51 22.10 1.94
C3 NAG F . -1.64 23.29 2.88
C4 NAG F . -0.48 24.27 2.71
C5 NAG F . -0.24 24.60 1.23
C6 NAG F . 1.04 25.35 0.99
C7 NAG F . -2.62 19.95 2.31
C8 NAG F . -3.93 19.23 2.39
N2 NAG F . -2.68 21.25 2.04
O3 NAG F . -1.69 22.83 4.23
O4 NAG F . -0.82 25.45 3.40
O5 NAG F . -0.14 23.40 0.44
O6 NAG F . 2.17 24.58 1.38
O7 NAG F . -1.55 19.36 2.49
C1 BMA F . 0.26 25.92 4.24
C2 BMA F . 0.08 27.45 4.32
C3 BMA F . 1.14 28.08 5.23
C4 BMA F . 1.32 27.29 6.55
C5 BMA F . 1.41 25.75 6.28
C6 BMA F . 1.45 24.90 7.52
O2 BMA F . -1.18 27.78 4.88
O3 BMA F . 0.80 29.43 5.50
O4 BMA F . 2.49 27.73 7.23
O5 BMA F . 0.24 25.36 5.53
O6 BMA F . 0.22 25.10 8.20
C1 MAN F . 1.55 30.30 4.62
C2 MAN F . 1.38 31.72 5.20
C3 MAN F . -0.05 32.13 5.05
C4 MAN F . -0.34 32.21 3.56
C5 MAN F . -0.24 30.79 2.99
C6 MAN F . -0.52 30.69 1.49
O2 MAN F . 2.07 32.64 4.37
O3 MAN F . -0.31 33.36 5.70
O4 MAN F . -1.64 32.74 3.35
O5 MAN F . 1.10 30.24 3.26
O6 MAN F . 0.39 31.53 0.80
C1 MAN F . 3.05 33.31 5.17
C2 MAN F . 3.46 34.59 4.39
C3 MAN F . 4.28 34.21 3.16
C4 MAN F . 5.44 33.27 3.53
C5 MAN F . 4.86 32.02 4.23
C6 MAN F . 5.91 31.01 4.66
O2 MAN F . 4.31 35.41 5.20
O3 MAN F . 4.79 35.37 2.50
O4 MAN F . 6.16 32.88 2.36
O5 MAN F . 4.16 32.45 5.40
O6 MAN F . 5.30 30.11 5.58
C1 MAN F . 3.62 36.59 5.66
C2 MAN F . 4.71 37.53 6.26
C3 MAN F . 5.20 37.01 7.63
C4 MAN F . 4.03 36.59 8.56
C5 MAN F . 3.11 35.62 7.81
C6 MAN F . 1.90 35.17 8.63
O2 MAN F . 4.23 38.86 6.46
O3 MAN F . 6.03 37.96 8.29
O4 MAN F . 4.55 35.92 9.70
O5 MAN F . 2.61 36.26 6.62
O6 MAN F . 1.70 33.77 8.37
C1 MAN F . 0.32 24.75 9.60
C2 MAN F . -1.02 25.18 10.23
C3 MAN F . -1.09 26.72 10.24
C4 MAN F . 0.14 27.35 10.91
C5 MAN F . 1.44 26.82 10.31
C6 MAN F . 2.65 27.22 11.13
O2 MAN F . -1.13 24.75 11.59
O3 MAN F . -2.27 27.19 10.86
O4 MAN F . 0.10 28.76 10.72
O5 MAN F . 1.43 25.36 10.25
O6 MAN F . 2.49 26.60 12.40
C1 MAN F . 3.22 27.37 13.38
C2 MAN F . 4.01 26.35 14.25
C3 MAN F . 3.01 25.52 15.06
C4 MAN F . 2.02 26.42 15.84
C5 MAN F . 1.34 27.40 14.87
C6 MAN F . 0.45 28.43 15.56
O2 MAN F . 4.87 27.03 15.21
O3 MAN F . 3.64 24.59 15.94
O4 MAN F . 1.03 25.63 16.48
O5 MAN F . 2.34 28.15 14.16
O6 MAN F . 0.13 29.45 14.61
C1 MAN F . 6.31 27.10 14.88
C2 MAN F . 6.56 27.98 13.54
C3 MAN F . 6.72 27.11 12.30
C4 MAN F . 7.79 26.07 12.56
C5 MAN F . 7.25 25.09 13.61
C6 MAN F . 8.26 24.00 13.97
O2 MAN F . 7.75 28.75 13.64
O3 MAN F . 7.04 27.88 11.16
O4 MAN F . 8.05 25.38 11.34
O5 MAN F . 6.94 25.77 14.86
O6 MAN F . 7.66 23.14 14.93
C1 MAN F . -3.36 26.96 9.96
C2 MAN F . -4.02 28.32 9.65
C3 MAN F . -5.51 28.27 9.98
C4 MAN F . -6.19 27.02 9.39
C5 MAN F . -5.42 25.73 9.77
C6 MAN F . -4.97 24.92 8.57
O2 MAN F . -3.95 28.63 8.25
O3 MAN F . -6.18 29.43 9.53
O4 MAN F . -7.52 26.92 9.88
O5 MAN F . -4.26 26.06 10.55
O6 MAN F . -4.06 23.90 9.02
C1 NAG G . -4.02 22.11 -29.75
C2 NAG G . -2.49 22.02 -29.86
C3 NAG G . -2.01 22.59 -31.20
C4 NAG G . -2.74 21.92 -32.36
C5 NAG G . -4.24 22.09 -32.16
C6 NAG G . -5.07 21.43 -33.24
C7 NAG G . -0.99 22.13 -27.93
C8 NAG G . -0.40 23.00 -26.86
N2 NAG G . -1.84 22.72 -28.77
O3 NAG G . -0.61 22.40 -31.34
O4 NAG G . -2.32 22.51 -33.58
O5 NAG G . -4.63 21.50 -30.92
O6 NAG G . -4.98 20.02 -33.17
O7 NAG G . -0.71 20.94 -28.01
C1 NAG G . -1.82 21.54 -34.54
C2 NAG G . -1.70 22.28 -35.86
C3 NAG G . -1.20 21.33 -36.95
C4 NAG G . 0.05 20.57 -36.52
C5 NAG G . -0.11 20.00 -35.11
C6 NAG G . 1.17 19.42 -34.54
C7 NAG G . -3.32 24.13 -35.89
C8 NAG G . -4.66 24.58 -36.37
N2 NAG G . -2.96 22.88 -36.25
O3 NAG G . -0.92 22.07 -38.13
O4 NAG G . 0.25 19.48 -37.40
O5 NAG G . -0.56 21.00 -34.18
O6 NAG G . 1.00 18.99 -33.21
O7 NAG G . -2.59 24.85 -35.23
C1 BMA G . 1.27 19.67 -38.41
C2 BMA G . 1.66 18.25 -38.92
C3 BMA G . 2.52 18.31 -40.19
C4 BMA G . 1.92 19.27 -41.22
C5 BMA G . 1.77 20.65 -40.58
C6 BMA G . 1.26 21.70 -41.55
O2 BMA G . 0.50 17.51 -39.26
O3 BMA G . 2.69 17.03 -40.78
O4 BMA G . 2.78 19.35 -42.35
O5 BMA G . 0.83 20.52 -39.47
O6 BMA G . 1.92 22.92 -41.28
C1 NAG H . -6.69 -3.23 19.85
C2 NAG H . -7.80 -2.19 19.71
C3 NAG H . -8.08 -1.52 21.05
C4 NAG H . -8.34 -2.54 22.15
C5 NAG H . -7.21 -3.59 22.18
C6 NAG H . -7.50 -4.73 23.11
C7 NAG H . -8.23 -0.99 17.61
C8 NAG H . -7.74 0.07 16.68
N2 NAG H . -7.48 -1.20 18.70
O3 NAG H . -9.21 -0.66 20.92
O4 NAG H . -8.34 -1.89 23.42
O5 NAG H . -7.03 -4.17 20.87
O6 NAG H . -6.48 -5.73 23.04
O7 NAG H . -9.25 -1.65 17.39
C1 NAG H . -9.63 -1.77 24.06
C2 NAG H . -9.42 -0.92 25.33
C3 NAG H . -10.76 -0.62 26.02
C4 NAG H . -11.77 -0.06 25.03
C5 NAG H . -11.89 -1.02 23.85
C6 NAG H . -12.87 -0.56 22.80
C7 NAG H . -7.21 -1.63 26.14
C8 NAG H . -6.47 -2.39 27.21
N2 NAG H . -8.54 -1.61 26.26
O3 NAG H . -10.54 0.33 27.05
O4 NAG H . -13.04 0.08 25.65
O5 NAG H . -10.61 -1.16 23.22
O6 NAG H . -14.08 -1.29 22.88
O7 NAG H . -6.63 -1.07 25.22
C1 NAG I . -22.51 -27.12 23.34
C2 NAG I . -21.81 -25.96 24.02
C3 NAG I . -20.61 -26.50 24.80
C4 NAG I . -21.07 -27.56 25.80
C5 NAG I . -21.97 -28.61 25.15
C6 NAG I . -22.68 -29.47 26.17
C7 NAG I . -22.07 -23.80 22.91
C8 NAG I . -21.51 -22.82 21.93
N2 NAG I . -21.39 -24.93 23.08
O3 NAG I . -19.96 -25.42 25.46
O4 NAG I . -19.91 -28.23 26.32
O5 NAG I . -23.00 -28.03 24.33
O6 NAG I . -23.69 -28.73 26.83
O7 NAG I . -23.11 -23.58 23.52
C1 NAG I . -19.40 -27.70 27.58
C2 NAG I . -18.45 -28.75 28.15
C3 NAG I . -17.87 -28.26 29.48
C4 NAG I . -17.19 -26.90 29.29
C5 NAG I . -18.17 -25.91 28.65
C6 NAG I . -17.52 -24.59 28.32
C7 NAG I . -18.99 -31.03 27.46
C8 NAG I . -19.74 -32.29 27.80
N2 NAG I . -19.11 -30.03 28.33
O3 NAG I . -16.94 -29.20 29.98
O4 NAG I . -16.76 -26.39 30.54
O5 NAG I . -18.70 -26.44 27.43
O6 NAG I . -16.34 -24.38 29.08
O7 NAG I . -18.30 -30.94 26.44
C1 NAG J . 21.56 -17.55 2.21
C2 NAG J . 22.55 -17.09 1.11
C3 NAG J . 22.89 -18.25 0.17
C4 NAG J . 23.36 -19.47 0.96
C5 NAG J . 22.27 -19.85 1.96
C6 NAG J . 22.63 -21.04 2.81
C7 NAG J . 22.26 -14.69 0.67
C8 NAG J . 21.60 -13.68 -0.20
N2 NAG J . 22.01 -15.98 0.37
O3 NAG J . 23.89 -17.82 -0.74
O4 NAG J . 23.60 -20.59 0.12
O5 NAG J . 22.07 -18.75 2.84
O6 NAG J . 23.84 -20.82 3.53
O7 NAG J . 22.98 -14.38 1.61
C1 NAG J . 24.97 -20.66 -0.35
C2 NAG J . 25.54 -22.07 -0.19
C3 NAG J . 26.90 -22.20 -0.88
C4 NAG J . 26.83 -21.70 -2.32
C5 NAG J . 26.28 -20.28 -2.33
C6 NAG J . 26.12 -19.72 -3.72
C7 NAG J . 24.93 -23.39 1.80
C8 NAG J . 25.21 -23.63 3.25
N2 NAG J . 25.67 -22.43 1.21
O3 NAG J . 27.32 -23.56 -0.88
O4 NAG J . 28.13 -21.71 -2.91
O5 NAG J . 24.99 -20.28 -1.72
O6 NAG J . 25.03 -18.80 -3.78
O7 NAG J . 24.06 -24.01 1.19
C1 NAG K . -5.95 -13.64 15.50
C2 NAG K . -7.34 -14.24 15.23
C3 NAG K . -8.39 -13.15 15.03
C4 NAG K . -8.33 -12.11 16.15
C5 NAG K . -6.91 -11.57 16.27
C6 NAG K . -6.75 -10.59 17.40
C7 NAG K . -7.30 -16.45 14.14
C8 NAG K . -7.27 -17.18 12.83
N2 NAG K . -7.31 -15.12 14.06
O3 NAG K . -9.68 -13.74 15.00
O4 NAG K . -9.22 -11.03 15.86
O5 NAG K . -6.04 -12.67 16.54
O6 NAG K . -6.19 -11.22 18.54
O7 NAG K . -7.31 -17.05 15.21
C1 NAG K . -10.29 -10.95 16.81
C2 NAG K . -10.93 -9.57 16.69
C3 NAG K . -12.16 -9.46 17.59
C4 NAG K . -13.13 -10.61 17.34
C5 NAG K . -12.39 -11.95 17.42
C6 NAG K . -13.26 -13.12 17.01
C7 NAG K . -9.58 -7.59 16.15
C8 NAG K . -8.61 -6.58 16.67
N2 NAG K . -9.98 -8.53 17.03
O3 NAG K . -12.81 -8.22 17.34
O4 NAG K . -14.13 -10.54 18.34
O5 NAG K . -11.27 -11.95 16.54
O6 NAG K . -13.75 -12.94 15.70
O7 NAG K . -9.99 -7.58 14.99
C1 BMA K . -15.48 -10.66 17.81
C2 BMA K . -16.24 -11.27 18.99
C3 BMA K . -17.72 -11.42 18.66
C4 BMA K . -18.30 -10.10 18.10
C5 BMA K . -17.42 -9.59 16.92
C6 BMA K . -17.90 -8.27 16.32
O2 BMA K . -16.16 -10.44 20.13
O3 BMA K . -18.46 -11.84 19.82
O4 BMA K . -19.64 -10.27 17.67
O5 BMA K . -16.06 -9.42 17.40
O6 BMA K . -17.37 -7.21 17.08
C1 MAN K . -18.39 -13.28 20.04
C2 MAN K . -19.32 -13.56 21.23
C3 MAN K . -18.60 -13.23 22.53
C4 MAN K . -17.42 -14.16 22.75
C5 MAN K . -16.57 -14.41 21.47
C6 MAN K . -16.43 -15.88 21.15
O2 MAN K . -19.68 -14.93 21.29
O3 MAN K . -19.49 -13.35 23.62
O4 MAN K . -16.57 -13.62 23.75
O5 MAN K . -17.04 -13.72 20.25
O6 MAN K . -15.06 -16.22 21.28
C1 MAN K . -21.06 -14.99 20.90
C2 MAN K . -21.61 -16.35 21.34
C3 MAN K . -20.83 -17.40 20.58
C4 MAN K . -21.18 -17.25 19.09
C5 MAN K . -20.71 -15.86 18.62
C6 MAN K . -21.19 -15.51 17.23
O2 MAN K . -22.95 -16.47 20.86
O3 MAN K . -21.09 -18.72 21.05
O4 MAN K . -20.55 -18.27 18.34
O5 MAN K . -21.23 -14.80 19.50
O6 MAN K . -20.83 -14.17 16.94
C1 MAN K . -23.92 -16.58 21.93
C2 MAN K . -23.84 -15.31 22.86
C3 MAN K . -24.08 -15.71 24.31
C4 MAN K . -25.13 -16.83 24.43
C5 MAN K . -24.67 -18.10 23.68
C6 MAN K . -25.81 -18.93 23.05
O2 MAN K . -24.85 -14.36 22.53
O3 MAN K . -24.46 -14.58 25.10
O4 MAN K . -25.31 -17.15 25.80
O5 MAN K . -23.69 -17.77 22.65
O6 MAN K . -26.44 -18.20 21.98
C1 MAN K . -18.26 -6.08 17.16
C2 MAN K . -17.89 -5.36 18.48
C3 MAN K . -18.50 -6.16 19.64
C4 MAN K . -20.03 -6.14 19.54
C5 MAN K . -20.40 -6.95 18.29
C6 MAN K . -21.91 -6.94 17.98
O2 MAN K . -18.45 -4.05 18.52
O3 MAN K . -17.99 -5.88 20.97
O4 MAN K . -20.58 -6.76 20.68
O5 MAN K . -19.69 -6.44 17.09
O6 MAN K . -22.33 -5.59 17.75
C1 MAN K . -18.31 -4.59 21.50
C2 MAN K . -16.97 -3.92 21.80
C3 MAN K . -16.21 -4.77 22.83
C4 MAN K . -17.09 -5.10 24.06
C5 MAN K . -18.47 -5.64 23.64
C6 MAN K . -19.44 -5.79 24.79
O2 MAN K . -17.13 -2.62 22.39
O3 MAN K . -15.00 -4.14 23.25
O4 MAN K . -16.44 -6.07 24.85
O5 MAN K . -19.06 -4.73 22.68
O6 MAN K . -18.82 -6.59 25.79
C1 MAN K . -23.62 -5.51 17.10
C2 MAN K . -24.68 -6.26 17.97
C3 MAN K . -25.75 -6.91 17.08
C4 MAN K . -26.04 -6.06 15.82
C5 MAN K . -24.76 -5.86 14.98
C6 MAN K . -24.66 -4.47 14.36
O2 MAN K . -25.38 -5.34 18.82
O3 MAN K . -26.96 -7.16 17.80
O4 MAN K . -27.01 -6.74 15.02
O5 MAN K . -23.58 -6.08 15.79
O6 MAN K . -25.82 -4.22 13.58
C1 NAG L . 13.32 -30.25 18.09
C2 NAG L . 12.74 -31.22 17.07
C3 NAG L . 13.11 -32.65 17.45
C4 NAG L . 14.61 -32.81 17.62
C5 NAG L . 15.19 -31.70 18.53
C6 NAG L . 16.70 -31.64 18.48
C7 NAG L . 10.68 -30.80 15.82
C8 NAG L . 9.18 -30.68 15.87
N2 NAG L . 11.29 -31.07 16.96
O3 NAG L . 12.65 -33.53 16.43
O4 NAG L . 14.88 -34.05 18.23
O5 NAG L . 14.73 -30.40 18.13
O6 NAG L . 17.21 -30.83 19.52
O7 NAG L . 11.29 -30.66 14.76
C1 NAG L . 15.75 -34.94 17.49
C2 NAG L . 16.68 -35.65 18.49
C3 NAG L . 17.58 -36.63 17.75
C4 NAG L . 16.72 -37.64 17.00
C5 NAG L . 15.81 -36.90 16.03
C6 NAG L . 14.85 -37.82 15.30
C7 NAG L . 17.19 -34.41 20.53
C8 NAG L . 18.11 -33.42 21.18
N2 NAG L . 17.47 -34.70 19.25
O3 NAG L . 18.43 -37.29 18.68
O4 NAG L . 17.56 -38.56 16.29
O5 NAG L . 15.01 -35.93 16.73
O6 NAG L . 14.33 -37.22 14.13
O7 NAG L . 16.24 -34.89 21.12
C1 BMA L . 17.62 -39.88 16.91
C2 BMA L . 19.12 -40.23 17.14
C3 BMA L . 19.25 -41.56 17.89
C4 BMA L . 18.34 -41.63 19.12
C5 BMA L . 16.89 -41.28 18.74
C6 BMA L . 15.97 -41.26 19.96
O2 BMA L . 19.76 -39.23 17.94
O3 BMA L . 20.60 -41.80 18.27
O4 BMA L . 18.39 -42.93 19.69
O5 BMA L . 16.87 -39.96 18.14
O6 BMA L . 14.89 -42.17 19.73
C1 NAG M . 7.95 41.93 -2.15
C2 NAG M . 6.52 41.73 -1.65
C3 NAG M . 5.53 42.13 -2.75
C4 NAG M . 5.80 43.55 -3.22
C5 NAG M . 7.27 43.71 -3.61
C6 NAG M . 7.64 45.14 -3.95
C7 NAG M . 6.31 39.99 0.06
C8 NAG M . 6.05 38.54 0.33
N2 NAG M . 6.28 40.37 -1.22
O3 NAG M . 4.20 42.02 -2.25
O4 NAG M . 4.98 43.86 -4.34
O5 NAG M . 8.13 43.30 -2.54
O6 NAG M . 9.01 45.26 -4.29
O7 NAG M . 6.54 40.80 0.96
C1 NAG N . 7.76 10.12 22.49
C2 NAG N . 6.62 11.11 22.19
C3 NAG N . 6.36 11.98 23.41
C4 NAG N . 6.09 11.11 24.63
C5 NAG N . 7.22 10.10 24.83
C6 NAG N . 6.98 9.14 25.96
C7 NAG N . 8.00 12.63 20.80
C8 NAG N . 8.06 13.39 19.51
N2 NAG N . 6.89 11.91 21.01
O3 NAG N . 5.25 12.84 23.15
O4 NAG N . 5.97 11.91 25.80
O5 NAG N . 7.41 9.33 23.63
O6 NAG N . 5.72 8.48 25.81
O7 NAG N . 8.91 12.68 21.63
C1 NAG O . -37.97 -23.37 13.62
C2 NAG O . -39.46 -23.02 13.57
C3 NAG O . -40.30 -24.28 13.83
C4 NAG O . -39.91 -25.36 12.84
C5 NAG O . -38.41 -25.62 12.89
C6 NAG O . -37.95 -26.61 11.83
C7 NAG O . -39.57 -22.01 15.84
C8 NAG O . -40.00 -20.80 16.61
N2 NAG O . -39.80 -21.96 14.52
O3 NAG O . -41.68 -23.96 13.71
O4 NAG O . -40.63 -26.56 13.14
O5 NAG O . -37.69 -24.40 12.65
O6 NAG O . -36.54 -26.66 11.76
O7 NAG O . -39.05 -22.98 16.38
#